data_3E9M
#
_entry.id   3E9M
#
_cell.length_a   57.918
_cell.length_b   146.925
_cell.length_c   80.531
_cell.angle_alpha   90.00
_cell.angle_beta   100.84
_cell.angle_gamma   90.00
#
_symmetry.space_group_name_H-M   'P 1 21 1'
#
_entity_poly.entity_id   1
_entity_poly.type   'polypeptide(L)'
_entity_poly.pdbx_seq_one_letter_code
;(MSE)SLDKIRYGI(MSE)STAQIVPRFVAGLRESAQAEVRGIASRRLENAQK(MSE)AKELAIPVAYGSYEELCKDETI
DIIYIPTYNQGHYSAAKLALSQGKPVLLEKPFTLNAAEAEELFAIAQEQGVFL(MSE)EAQKSVFLPITQKVKATIQEGG
LGEILWVQSVTAYPNVDHIPWFYSREAGGGALHGSGSYPLQYLQYVLGKEIQEVTGTATYQQGATDSQCNLALKFAEGTL
GNIFINVGLKIPSE(MSE)TICGTKGQIVIPNFWKTDCAYYTDAQGNTVKWSEQFTSEFTYEINHVNQCLQDKKLTSPV
(MSE)TKELTIATVKIVESFYQEWFDNEGHHHHHH
;
_entity_poly.pdbx_strand_id   A,B,C,D
#
# COMPACT_ATOMS: atom_id res chain seq x y z
N LEU A 3 2.71 -37.32 17.37
CA LEU A 3 1.82 -38.24 16.56
C LEU A 3 0.31 -38.06 16.70
N ASP A 4 -0.22 -37.79 17.89
CA ASP A 4 -1.64 -37.70 17.86
C ASP A 4 -2.40 -36.53 17.32
N LYS A 5 -3.57 -36.89 16.82
CA LYS A 5 -4.45 -35.95 16.19
C LYS A 5 -5.85 -35.73 16.71
N ILE A 6 -6.28 -34.52 16.49
CA ILE A 6 -7.61 -34.07 16.83
C ILE A 6 -8.56 -34.81 15.87
N ARG A 7 -9.56 -35.47 16.43
CA ARG A 7 -10.50 -36.26 15.64
C ARG A 7 -11.77 -35.42 15.44
N TYR A 8 -12.06 -35.09 14.19
CA TYR A 8 -13.21 -34.25 13.83
C TYR A 8 -14.52 -35.00 13.55
N GLY A 9 -15.63 -34.35 13.89
CA GLY A 9 -16.94 -34.91 13.65
C GLY A 9 -17.66 -33.93 12.77
N ILE A 10 -18.38 -34.43 11.77
CA ILE A 10 -19.14 -33.59 10.86
C ILE A 10 -20.59 -33.89 11.11
N SER A 12 -23.16 -33.01 9.54
CA SER A 12 -24.06 -33.11 8.41
C SER A 12 -23.42 -33.61 7.13
N THR A 13 -24.28 -33.89 6.15
CA THR A 13 -23.81 -34.34 4.86
C THR A 13 -24.03 -33.16 3.93
N ALA A 14 -23.29 -32.09 4.21
CA ALA A 14 -23.38 -30.88 3.42
C ALA A 14 -22.54 -30.98 2.17
N GLN A 15 -22.91 -30.17 1.18
CA GLN A 15 -22.23 -30.11 -0.10
C GLN A 15 -20.76 -29.73 0.13
N ILE A 16 -20.54 -28.84 1.09
CA ILE A 16 -19.21 -28.35 1.45
C ILE A 16 -18.31 -29.40 2.11
N VAL A 17 -18.93 -30.41 2.71
CA VAL A 17 -18.20 -31.46 3.42
C VAL A 17 -16.99 -32.08 2.71
N PRO A 18 -17.11 -32.38 1.42
CA PRO A 18 -15.93 -32.97 0.79
C PRO A 18 -14.74 -32.01 0.73
N ARG A 19 -14.99 -30.75 0.40
CA ARG A 19 -13.87 -29.81 0.34
C ARG A 19 -13.29 -29.57 1.72
N PHE A 20 -14.14 -29.57 2.74
CA PHE A 20 -13.67 -29.38 4.11
C PHE A 20 -12.76 -30.55 4.47
N VAL A 21 -13.23 -31.76 4.16
CA VAL A 21 -12.48 -32.96 4.42
C VAL A 21 -11.18 -32.97 3.65
N ALA A 22 -11.14 -32.25 2.52
CA ALA A 22 -9.93 -32.18 1.71
C ALA A 22 -8.87 -31.37 2.46
N GLY A 23 -9.29 -30.23 3.02
CA GLY A 23 -8.38 -29.38 3.77
C GLY A 23 -8.00 -29.99 5.10
N LEU A 24 -8.97 -30.65 5.73
CA LEU A 24 -8.74 -31.29 7.01
C LEU A 24 -7.56 -32.25 6.83
N ARG A 25 -7.63 -33.06 5.76
CA ARG A 25 -6.59 -34.03 5.44
C ARG A 25 -5.24 -33.35 5.10
N GLU A 26 -5.30 -32.09 4.69
CA GLU A 26 -4.09 -31.33 4.34
C GLU A 26 -3.43 -30.68 5.55
N SER A 27 -4.10 -30.72 6.70
CA SER A 27 -3.55 -30.10 7.90
C SER A 27 -2.53 -31.00 8.59
N ALA A 28 -1.82 -30.45 9.56
CA ALA A 28 -0.81 -31.21 10.29
C ALA A 28 -1.37 -32.17 11.35
N GLN A 29 -2.28 -31.66 12.17
CA GLN A 29 -2.84 -32.45 13.26
C GLN A 29 -4.27 -32.96 13.15
N ALA A 30 -4.94 -32.72 12.02
CA ALA A 30 -6.33 -33.17 11.89
C ALA A 30 -6.51 -34.49 11.15
N GLU A 31 -7.66 -35.10 11.39
CA GLU A 31 -8.06 -36.37 10.80
C GLU A 31 -9.57 -36.48 10.97
N VAL A 32 -10.25 -37.03 9.97
CA VAL A 32 -11.71 -37.18 10.06
C VAL A 32 -12.03 -38.55 10.66
N ARG A 33 -13.06 -38.61 11.49
CA ARG A 33 -13.43 -39.89 12.07
C ARG A 33 -14.92 -40.10 12.14
N GLY A 34 -15.70 -39.07 11.88
CA GLY A 34 -17.12 -39.27 11.96
C GLY A 34 -17.96 -38.22 11.30
N ILE A 35 -19.09 -38.68 10.77
CA ILE A 35 -20.08 -37.82 10.13
C ILE A 35 -21.42 -38.44 10.51
N ALA A 36 -22.43 -37.60 10.68
CA ALA A 36 -23.74 -38.08 11.07
C ALA A 36 -24.84 -37.26 10.40
N SER A 37 -25.86 -37.96 9.90
CA SER A 37 -26.98 -37.32 9.23
C SER A 37 -28.24 -37.74 9.98
N ARG A 38 -29.39 -37.15 9.62
CA ARG A 38 -30.65 -37.49 10.29
C ARG A 38 -31.24 -38.77 9.76
N ARG A 39 -30.54 -39.32 8.77
CA ARG A 39 -30.86 -40.58 8.11
C ARG A 39 -29.45 -41.12 7.99
N LEU A 40 -29.31 -42.43 8.15
CA LEU A 40 -28.03 -43.09 8.17
C LEU A 40 -27.24 -43.36 6.91
N GLU A 41 -27.92 -43.73 5.85
CA GLU A 41 -27.24 -44.05 4.59
C GLU A 41 -26.93 -42.75 3.87
N ASN A 42 -27.65 -41.71 4.30
CA ASN A 42 -27.51 -40.36 3.78
C ASN A 42 -26.11 -39.95 4.27
N ALA A 43 -25.71 -40.57 5.38
CA ALA A 43 -24.43 -40.33 6.03
C ALA A 43 -23.36 -41.28 5.51
N GLN A 44 -23.70 -42.56 5.44
CA GLN A 44 -22.75 -43.57 4.97
C GLN A 44 -22.39 -43.38 3.50
N LYS A 45 -23.33 -42.83 2.72
CA LYS A 45 -23.10 -42.60 1.29
C LYS A 45 -21.90 -41.67 1.15
N ALA A 47 -20.09 -40.91 3.77
CA ALA A 47 -19.11 -41.51 4.66
C ALA A 47 -18.21 -42.47 3.89
N LYS A 48 -18.77 -43.14 2.89
CA LYS A 48 -17.99 -44.10 2.12
C LYS A 48 -17.19 -43.48 0.97
N GLU A 49 -17.71 -42.42 0.36
CA GLU A 49 -17.01 -41.77 -0.75
C GLU A 49 -15.72 -41.12 -0.23
N LEU A 50 -15.81 -40.61 1.00
CA LEU A 50 -14.71 -39.91 1.64
C LEU A 50 -13.78 -40.67 2.59
N ALA A 51 -13.91 -41.99 2.68
CA ALA A 51 -13.03 -42.75 3.56
C ALA A 51 -13.16 -42.28 5.00
N ILE A 52 -14.38 -41.94 5.38
CA ILE A 52 -14.66 -41.49 6.74
C ILE A 52 -15.18 -42.67 7.57
N PRO A 53 -14.45 -43.02 8.64
CA PRO A 53 -14.95 -44.14 9.45
C PRO A 53 -16.20 -43.63 10.17
N VAL A 54 -16.92 -44.53 10.81
CA VAL A 54 -18.08 -44.14 11.56
C VAL A 54 -19.11 -43.33 10.78
N ALA A 55 -20.36 -43.61 11.06
CA ALA A 55 -21.48 -42.98 10.48
C ALA A 55 -22.53 -43.09 11.54
N TYR A 56 -23.19 -41.99 11.79
CA TYR A 56 -24.25 -42.01 12.75
C TYR A 56 -25.52 -41.63 12.02
N GLY A 57 -26.66 -42.06 12.53
CA GLY A 57 -27.91 -41.76 11.86
C GLY A 57 -28.63 -40.59 12.50
N SER A 58 -27.98 -39.99 13.49
CA SER A 58 -28.53 -38.84 14.18
C SER A 58 -27.39 -38.01 14.73
N TYR A 59 -27.67 -36.76 15.06
CA TYR A 59 -26.63 -35.89 15.60
C TYR A 59 -26.33 -36.28 17.05
N GLU A 60 -27.38 -36.64 17.79
CA GLU A 60 -27.27 -37.03 19.20
C GLU A 60 -26.22 -38.11 19.41
N GLU A 61 -26.14 -39.04 18.46
CA GLU A 61 -25.17 -40.12 18.56
C GLU A 61 -23.75 -39.60 18.40
N LEU A 62 -23.59 -38.66 17.48
CA LEU A 62 -22.28 -38.08 17.22
C LEU A 62 -21.75 -37.33 18.44
N CYS A 63 -22.67 -36.72 19.18
CA CYS A 63 -22.28 -35.98 20.37
C CYS A 63 -21.95 -36.92 21.53
N LYS A 64 -22.58 -38.09 21.54
CA LYS A 64 -22.35 -39.08 22.60
C LYS A 64 -21.02 -39.83 22.42
N ASP A 65 -20.54 -39.88 21.18
CA ASP A 65 -19.31 -40.58 20.85
C ASP A 65 -18.09 -39.95 21.54
N GLU A 66 -17.36 -40.75 22.32
CA GLU A 66 -16.21 -40.24 23.05
C GLU A 66 -14.94 -40.17 22.23
N THR A 67 -15.05 -40.47 20.95
CA THR A 67 -13.90 -40.45 20.06
C THR A 67 -13.73 -39.12 19.34
N ILE A 68 -14.83 -38.41 19.13
CA ILE A 68 -14.74 -37.12 18.45
C ILE A 68 -14.29 -36.00 19.38
N ASP A 69 -13.22 -35.35 18.99
CA ASP A 69 -12.66 -34.26 19.77
C ASP A 69 -13.23 -32.89 19.42
N ILE A 70 -13.96 -32.80 18.31
CA ILE A 70 -14.54 -31.53 17.89
C ILE A 70 -15.50 -31.78 16.75
N ILE A 71 -16.53 -30.95 16.65
CA ILE A 71 -17.51 -31.13 15.61
C ILE A 71 -17.73 -29.89 14.73
N TYR A 72 -17.61 -30.09 13.42
CA TYR A 72 -17.79 -29.02 12.45
C TYR A 72 -19.25 -29.06 12.02
N ILE A 73 -19.95 -27.95 12.15
CA ILE A 73 -21.35 -27.92 11.78
C ILE A 73 -21.67 -27.05 10.58
N PRO A 74 -21.79 -27.67 9.40
CA PRO A 74 -22.11 -26.96 8.16
C PRO A 74 -23.59 -27.16 7.78
N THR A 75 -24.43 -27.45 8.78
CA THR A 75 -25.85 -27.69 8.54
C THR A 75 -26.54 -26.41 8.06
N TYR A 76 -27.76 -26.54 7.54
CA TYR A 76 -28.50 -25.39 7.03
C TYR A 76 -28.62 -24.31 8.10
N ASN A 77 -28.70 -23.06 7.65
CA ASN A 77 -28.77 -21.92 8.54
C ASN A 77 -29.71 -21.99 9.75
N GLN A 78 -30.96 -22.37 9.53
CA GLN A 78 -31.91 -22.43 10.64
C GLN A 78 -31.53 -23.40 11.74
N GLY A 79 -30.67 -24.37 11.41
CA GLY A 79 -30.27 -25.36 12.40
C GLY A 79 -28.94 -25.13 13.11
N HIS A 80 -28.27 -24.01 12.87
CA HIS A 80 -26.98 -23.74 13.52
C HIS A 80 -27.11 -23.74 15.03
N TYR A 81 -28.05 -22.93 15.50
CA TYR A 81 -28.31 -22.77 16.93
C TYR A 81 -28.61 -24.10 17.63
N SER A 82 -29.64 -24.78 17.15
CA SER A 82 -30.06 -26.05 17.72
C SER A 82 -28.97 -27.12 17.62
N ALA A 83 -28.28 -27.13 16.50
CA ALA A 83 -27.22 -28.11 16.27
C ALA A 83 -25.99 -27.89 17.15
N ALA A 84 -25.63 -26.63 17.37
CA ALA A 84 -24.46 -26.29 18.17
C ALA A 84 -24.76 -26.46 19.65
N LYS A 85 -25.96 -26.00 20.04
CA LYS A 85 -26.44 -26.08 21.40
C LYS A 85 -26.35 -27.54 21.79
N LEU A 86 -26.77 -28.42 20.89
CA LEU A 86 -26.72 -29.85 21.14
C LEU A 86 -25.32 -30.35 21.45
N ALA A 87 -24.38 -30.07 20.55
CA ALA A 87 -23.01 -30.53 20.74
C ALA A 87 -22.25 -29.84 21.91
N LEU A 88 -22.43 -28.53 22.08
CA LEU A 88 -21.75 -27.86 23.17
C LEU A 88 -22.30 -28.35 24.51
N SER A 89 -23.61 -28.50 24.60
CA SER A 89 -24.25 -28.97 25.84
C SER A 89 -23.91 -30.43 26.10
N GLN A 90 -23.52 -31.13 25.05
CA GLN A 90 -23.16 -32.53 25.15
C GLN A 90 -21.68 -32.64 25.51
N GLY A 91 -21.05 -31.47 25.68
CA GLY A 91 -19.64 -31.43 26.06
C GLY A 91 -18.61 -31.52 24.94
N LYS A 92 -18.99 -31.19 23.72
CA LYS A 92 -18.06 -31.23 22.59
C LYS A 92 -17.77 -29.82 22.08
N PRO A 93 -16.54 -29.60 21.57
CA PRO A 93 -16.20 -28.27 21.06
C PRO A 93 -16.75 -28.19 19.64
N VAL A 94 -17.24 -27.02 19.25
CA VAL A 94 -17.81 -26.86 17.92
C VAL A 94 -17.15 -25.82 17.02
N LEU A 95 -17.19 -26.11 15.73
CA LEU A 95 -16.68 -25.24 14.70
C LEU A 95 -17.97 -25.05 13.91
N LEU A 96 -18.54 -23.85 13.95
CA LEU A 96 -19.82 -23.60 13.29
C LEU A 96 -19.72 -22.73 12.05
N GLU A 97 -20.45 -23.13 11.03
CA GLU A 97 -20.45 -22.43 9.75
C GLU A 97 -21.27 -21.13 9.85
N LYS A 98 -20.99 -20.18 8.97
CA LYS A 98 -21.72 -18.94 8.97
C LYS A 98 -22.82 -18.98 7.94
N PRO A 99 -23.92 -18.20 8.13
CA PRO A 99 -24.06 -17.20 9.21
C PRO A 99 -24.06 -17.96 10.54
N PHE A 100 -23.13 -17.59 11.43
CA PHE A 100 -23.00 -18.24 12.73
C PHE A 100 -24.35 -18.51 13.39
N THR A 101 -25.28 -17.59 13.18
CA THR A 101 -26.62 -17.69 13.75
C THR A 101 -27.50 -16.61 13.11
N LEU A 102 -28.81 -16.67 13.32
CA LEU A 102 -29.71 -15.68 12.73
C LEU A 102 -30.39 -14.91 13.84
N ASN A 103 -29.70 -14.76 14.96
CA ASN A 103 -30.28 -14.13 16.12
C ASN A 103 -29.14 -13.86 17.09
N ALA A 104 -28.94 -12.62 17.49
CA ALA A 104 -27.84 -12.30 18.39
C ALA A 104 -27.84 -13.03 19.73
N ALA A 105 -28.98 -13.06 20.40
CA ALA A 105 -29.09 -13.73 21.71
C ALA A 105 -28.75 -15.20 21.56
N GLU A 106 -29.12 -15.80 20.44
CA GLU A 106 -28.81 -17.20 20.23
C GLU A 106 -27.30 -17.37 20.19
N ALA A 107 -26.61 -16.48 19.49
CA ALA A 107 -25.17 -16.56 19.37
C ALA A 107 -24.54 -16.35 20.74
N GLU A 108 -25.14 -15.46 21.52
CA GLU A 108 -24.62 -15.16 22.84
C GLU A 108 -24.71 -16.39 23.74
N GLU A 109 -25.87 -17.04 23.72
CA GLU A 109 -26.11 -18.21 24.55
C GLU A 109 -25.13 -19.33 24.22
N LEU A 110 -24.87 -19.52 22.93
CA LEU A 110 -23.95 -20.54 22.46
C LEU A 110 -22.59 -20.44 23.13
N PHE A 111 -22.13 -19.21 23.33
CA PHE A 111 -20.85 -19.01 23.98
C PHE A 111 -21.01 -19.18 25.49
N ALA A 112 -22.23 -19.01 25.96
CA ALA A 112 -22.52 -19.15 27.37
C ALA A 112 -22.35 -20.62 27.77
N ILE A 113 -22.93 -21.49 26.97
CA ILE A 113 -22.84 -22.90 27.25
C ILE A 113 -21.42 -23.42 27.03
N ALA A 114 -20.81 -23.01 25.93
CA ALA A 114 -19.44 -23.45 25.62
C ALA A 114 -18.51 -23.09 26.77
N GLN A 115 -18.66 -21.89 27.30
CA GLN A 115 -17.88 -21.38 28.44
C GLN A 115 -18.21 -22.14 29.71
N GLU A 116 -19.48 -22.50 29.90
CA GLU A 116 -19.85 -23.26 31.09
C GLU A 116 -19.41 -24.71 30.96
N GLN A 117 -19.27 -25.19 29.72
CA GLN A 117 -18.81 -26.54 29.50
C GLN A 117 -17.30 -26.56 29.38
N GLY A 118 -16.71 -25.38 29.42
CA GLY A 118 -15.26 -25.30 29.29
C GLY A 118 -14.86 -25.92 27.96
N VAL A 119 -15.58 -25.55 26.91
CA VAL A 119 -15.32 -26.11 25.59
C VAL A 119 -15.03 -25.04 24.53
N PHE A 120 -14.23 -25.43 23.53
CA PHE A 120 -13.82 -24.53 22.46
C PHE A 120 -14.92 -24.28 21.40
N LEU A 121 -15.14 -23.01 21.07
CA LEU A 121 -16.17 -22.64 20.08
C LEU A 121 -15.70 -21.51 19.19
N GLU A 123 -16.53 -19.51 15.05
CA GLU A 123 -17.29 -19.42 13.82
C GLU A 123 -16.28 -19.79 12.73
N ALA A 124 -16.69 -20.68 11.83
CA ALA A 124 -15.80 -21.13 10.76
C ALA A 124 -15.64 -19.95 9.81
N GLN A 125 -14.41 -19.49 9.60
CA GLN A 125 -14.17 -18.33 8.75
C GLN A 125 -12.78 -18.41 8.12
N LYS A 126 -12.74 -18.83 6.86
CA LYS A 126 -11.47 -19.03 6.15
C LYS A 126 -10.72 -17.77 5.72
N SER A 127 -11.45 -16.70 5.45
CA SER A 127 -10.83 -15.47 4.97
C SER A 127 -9.75 -14.97 5.89
N VAL A 128 -10.11 -14.78 7.14
CA VAL A 128 -9.20 -14.26 8.14
C VAL A 128 -7.91 -15.05 8.37
N PHE A 129 -7.85 -16.30 7.90
CA PHE A 129 -6.64 -17.07 8.12
C PHE A 129 -5.69 -17.26 6.95
N LEU A 130 -6.08 -16.79 5.78
CA LEU A 130 -5.22 -16.91 4.62
C LEU A 130 -3.90 -16.16 4.89
N PRO A 131 -2.79 -16.69 4.35
CA PRO A 131 -1.47 -16.06 4.52
C PRO A 131 -1.44 -14.68 3.84
N ILE A 132 -2.14 -14.56 2.72
CA ILE A 132 -2.20 -13.31 1.99
C ILE A 132 -2.81 -12.24 2.92
N THR A 133 -3.87 -12.62 3.62
CA THR A 133 -4.57 -11.73 4.57
C THR A 133 -3.60 -11.26 5.66
N GLN A 134 -2.70 -12.13 6.08
CA GLN A 134 -1.74 -11.78 7.10
C GLN A 134 -0.81 -10.66 6.62
N LYS A 135 -0.36 -10.79 5.37
CA LYS A 135 0.51 -9.82 4.77
C LYS A 135 -0.22 -8.47 4.80
N VAL A 136 -1.49 -8.48 4.41
CA VAL A 136 -2.26 -7.25 4.42
C VAL A 136 -2.34 -6.64 5.84
N LYS A 137 -2.62 -7.48 6.82
CA LYS A 137 -2.71 -7.00 8.19
C LYS A 137 -1.40 -6.35 8.64
N ALA A 138 -0.30 -7.06 8.40
CA ALA A 138 1.03 -6.58 8.82
C ALA A 138 1.45 -5.31 8.13
N THR A 139 1.24 -5.25 6.82
CA THR A 139 1.59 -4.10 6.03
C THR A 139 0.88 -2.86 6.57
N ILE A 140 -0.38 -3.03 6.93
CA ILE A 140 -1.16 -1.93 7.46
C ILE A 140 -0.70 -1.50 8.86
N GLN A 141 -0.29 -2.46 9.68
CA GLN A 141 0.14 -2.14 11.05
C GLN A 141 1.53 -1.50 11.11
N GLU A 142 2.38 -1.84 10.17
CA GLU A 142 3.72 -1.27 10.15
C GLU A 142 3.78 0.04 9.36
N GLY A 143 2.62 0.59 9.01
CA GLY A 143 2.58 1.85 8.28
C GLY A 143 2.71 1.68 6.79
N GLY A 144 2.79 0.43 6.35
CA GLY A 144 2.94 0.16 4.94
C GLY A 144 2.07 1.02 4.04
N LEU A 145 0.87 1.32 4.50
CA LEU A 145 -0.01 2.13 3.67
C LEU A 145 -0.27 3.52 4.24
N GLY A 146 0.31 3.81 5.39
CA GLY A 146 0.09 5.09 6.03
C GLY A 146 -1.19 5.04 6.85
N GLU A 147 -1.97 6.11 6.77
CA GLU A 147 -3.21 6.14 7.55
C GLU A 147 -4.33 5.70 6.63
N ILE A 148 -5.15 4.77 7.10
CA ILE A 148 -6.22 4.28 6.26
C ILE A 148 -7.43 5.15 6.38
N LEU A 149 -7.82 5.75 5.26
CA LEU A 149 -8.99 6.63 5.24
C LEU A 149 -10.19 5.91 4.67
N TRP A 150 -9.98 5.06 3.66
CA TRP A 150 -11.11 4.36 3.06
C TRP A 150 -10.86 2.93 2.61
N VAL A 151 -11.81 2.05 2.89
CA VAL A 151 -11.72 0.64 2.47
C VAL A 151 -13.06 0.28 1.85
N GLN A 152 -13.06 -0.62 0.87
CA GLN A 152 -14.33 -1.04 0.29
C GLN A 152 -14.30 -2.49 -0.18
N SER A 153 -15.48 -3.06 -0.35
CA SER A 153 -15.58 -4.45 -0.79
C SER A 153 -16.81 -4.66 -1.66
N VAL A 154 -16.60 -5.20 -2.85
CA VAL A 154 -17.70 -5.48 -3.74
C VAL A 154 -17.71 -6.99 -3.96
N THR A 155 -18.92 -7.56 -4.00
CA THR A 155 -19.08 -8.98 -4.21
C THR A 155 -20.33 -9.19 -5.04
N ALA A 156 -20.21 -9.95 -6.12
CA ALA A 156 -21.37 -10.19 -6.96
C ALA A 156 -21.49 -11.66 -7.32
N TYR A 157 -22.72 -12.11 -7.45
CA TYR A 157 -23.02 -13.49 -7.81
C TYR A 157 -24.00 -13.35 -8.97
N PRO A 158 -23.57 -13.69 -10.19
CA PRO A 158 -24.45 -13.58 -11.35
C PRO A 158 -25.81 -14.18 -11.05
N ASN A 159 -25.80 -15.47 -10.74
CA ASN A 159 -27.00 -16.24 -10.42
C ASN A 159 -27.05 -16.63 -8.96
N VAL A 160 -28.26 -16.72 -8.43
CA VAL A 160 -28.46 -17.14 -7.07
C VAL A 160 -29.44 -18.30 -7.19
N ASP A 161 -29.53 -18.83 -8.41
CA ASP A 161 -30.42 -19.93 -8.72
C ASP A 161 -29.76 -21.31 -8.58
N HIS A 162 -29.01 -21.50 -7.50
CA HIS A 162 -28.37 -22.77 -7.21
C HIS A 162 -28.53 -22.88 -5.71
N ILE A 163 -29.42 -22.02 -5.21
CA ILE A 163 -29.76 -21.95 -3.81
C ILE A 163 -31.22 -21.48 -3.80
N PRO A 164 -32.14 -22.43 -3.59
CA PRO A 164 -33.59 -22.21 -3.55
C PRO A 164 -34.13 -21.32 -2.43
N TRP A 165 -33.56 -21.46 -1.24
CA TRP A 165 -34.03 -20.71 -0.08
C TRP A 165 -33.56 -19.27 -0.04
N PHE A 166 -32.72 -18.87 -0.98
CA PHE A 166 -32.18 -17.54 -0.96
C PHE A 166 -33.18 -16.44 -0.59
N TYR A 167 -34.42 -16.55 -1.02
CA TYR A 167 -35.38 -15.49 -0.70
C TYR A 167 -36.29 -15.74 0.51
N SER A 168 -35.83 -16.61 1.41
CA SER A 168 -36.56 -16.92 2.62
C SER A 168 -35.82 -16.25 3.77
N ARG A 169 -36.46 -15.28 4.42
CA ARG A 169 -35.83 -14.56 5.53
C ARG A 169 -35.75 -15.49 6.72
N GLU A 170 -36.60 -16.51 6.68
CA GLU A 170 -36.68 -17.51 7.72
C GLU A 170 -35.55 -18.55 7.62
N ALA A 171 -35.19 -18.89 6.39
CA ALA A 171 -34.20 -19.91 6.09
C ALA A 171 -32.70 -19.61 6.24
N GLY A 172 -32.12 -19.03 5.21
CA GLY A 172 -30.71 -18.69 5.26
C GLY A 172 -30.60 -17.19 5.10
N GLY A 173 -31.30 -16.66 4.11
CA GLY A 173 -31.30 -15.22 3.94
C GLY A 173 -30.98 -14.66 2.59
N GLY A 174 -30.67 -13.37 2.60
CA GLY A 174 -30.33 -12.71 1.36
C GLY A 174 -28.86 -12.40 1.25
N ALA A 175 -28.57 -11.46 0.35
CA ALA A 175 -27.21 -11.03 0.08
C ALA A 175 -26.38 -10.79 1.34
N LEU A 176 -26.99 -10.22 2.38
CA LEU A 176 -26.25 -9.92 3.59
C LEU A 176 -26.00 -11.16 4.45
N HIS A 177 -26.93 -12.11 4.44
CA HIS A 177 -26.76 -13.34 5.20
C HIS A 177 -25.72 -14.19 4.48
N GLY A 178 -25.79 -14.17 3.15
CA GLY A 178 -24.89 -14.96 2.35
C GLY A 178 -23.43 -14.58 2.41
N SER A 179 -23.12 -13.29 2.28
CA SER A 179 -21.71 -12.91 2.31
C SER A 179 -21.31 -11.64 3.02
N GLY A 180 -22.19 -11.08 3.85
CA GLY A 180 -21.83 -9.87 4.55
C GLY A 180 -20.93 -10.09 5.75
N SER A 181 -21.02 -11.25 6.38
CA SER A 181 -20.18 -11.47 7.56
C SER A 181 -18.67 -11.47 7.27
N TYR A 182 -18.26 -12.01 6.12
CA TYR A 182 -16.84 -12.05 5.71
C TYR A 182 -16.18 -10.67 5.52
N PRO A 183 -16.81 -9.80 4.71
CA PRO A 183 -16.17 -8.50 4.55
C PRO A 183 -16.08 -7.62 5.81
N LEU A 184 -17.11 -7.64 6.66
CA LEU A 184 -17.08 -6.82 7.87
C LEU A 184 -16.07 -7.37 8.87
N GLN A 185 -15.99 -8.69 9.01
CA GLN A 185 -15.04 -9.30 9.92
C GLN A 185 -13.64 -9.20 9.29
N TYR A 186 -13.54 -9.48 8.01
CA TYR A 186 -12.24 -9.39 7.37
C TYR A 186 -11.72 -7.96 7.52
N LEU A 187 -12.58 -6.99 7.21
CA LEU A 187 -12.17 -5.59 7.29
C LEU A 187 -11.76 -5.13 8.69
N GLN A 188 -12.48 -5.58 9.72
CA GLN A 188 -12.13 -5.16 11.06
C GLN A 188 -10.80 -5.76 11.46
N TYR A 189 -10.61 -7.02 11.07
CA TYR A 189 -9.41 -7.77 11.38
C TYR A 189 -8.13 -7.21 10.77
N VAL A 190 -8.18 -6.88 9.48
CA VAL A 190 -6.97 -6.34 8.87
C VAL A 190 -6.60 -4.94 9.39
N LEU A 191 -7.61 -4.14 9.68
CA LEU A 191 -7.44 -2.80 10.22
C LEU A 191 -6.96 -2.50 11.61
N GLY A 192 -7.25 -3.42 12.50
CA GLY A 192 -6.85 -3.20 13.88
C GLY A 192 -7.85 -2.28 14.59
N LYS A 193 -8.85 -1.87 13.83
CA LYS A 193 -9.91 -0.99 14.29
C LYS A 193 -11.22 -1.76 14.34
N GLU A 194 -12.12 -1.31 15.21
CA GLU A 194 -13.42 -1.93 15.37
C GLU A 194 -14.48 -1.11 14.59
N ILE A 195 -15.53 -1.79 14.16
CA ILE A 195 -16.59 -1.11 13.42
C ILE A 195 -17.44 -0.43 14.48
N GLN A 196 -17.69 0.87 14.31
CA GLN A 196 -18.48 1.59 15.31
C GLN A 196 -19.66 2.31 14.71
N GLU A 197 -19.90 2.12 13.43
CA GLU A 197 -21.01 2.77 12.78
C GLU A 197 -21.27 2.11 11.45
N VAL A 198 -22.54 1.89 11.14
CA VAL A 198 -22.89 1.26 9.87
C VAL A 198 -24.34 1.60 9.56
N THR A 199 -24.60 1.80 8.28
CA THR A 199 -25.92 2.12 7.79
C THR A 199 -25.92 1.63 6.36
N GLY A 200 -27.07 1.51 5.72
CA GLY A 200 -27.07 1.03 4.36
C GLY A 200 -28.40 1.05 3.66
N THR A 201 -28.43 0.55 2.43
CA THR A 201 -29.65 0.48 1.66
C THR A 201 -29.64 -0.89 1.02
N ALA A 202 -30.81 -1.38 0.64
CA ALA A 202 -30.86 -2.68 0.01
C ALA A 202 -32.02 -2.81 -0.98
N THR A 203 -31.95 -3.81 -1.84
CA THR A 203 -32.97 -4.05 -2.82
C THR A 203 -33.69 -5.34 -2.45
N TYR A 204 -34.97 -5.22 -2.15
CA TYR A 204 -35.76 -6.37 -1.74
C TYR A 204 -37.24 -6.14 -1.95
N GLN A 205 -37.97 -7.24 -2.10
CA GLN A 205 -39.41 -7.18 -2.25
C GLN A 205 -39.90 -7.51 -0.85
N GLN A 206 -41.18 -7.29 -0.58
CA GLN A 206 -41.74 -7.56 0.75
C GLN A 206 -41.83 -9.05 1.02
N GLY A 207 -41.61 -9.44 2.27
CA GLY A 207 -41.65 -10.84 2.62
C GLY A 207 -40.61 -11.46 1.72
N ALA A 208 -39.40 -10.93 1.83
CA ALA A 208 -38.31 -11.43 1.01
C ALA A 208 -36.95 -10.98 1.54
N THR A 209 -35.90 -11.56 0.99
CA THR A 209 -34.55 -11.21 1.39
C THR A 209 -34.04 -10.20 0.37
N ASP A 210 -32.86 -9.67 0.62
CA ASP A 210 -32.27 -8.69 -0.28
C ASP A 210 -31.52 -9.32 -1.44
N SER A 211 -31.67 -8.74 -2.62
CA SER A 211 -30.98 -9.24 -3.80
C SER A 211 -29.67 -8.44 -3.98
N GLN A 212 -29.64 -7.25 -3.38
CA GLN A 212 -28.47 -6.36 -3.44
C GLN A 212 -28.32 -5.84 -2.03
N CYS A 213 -27.32 -5.00 -1.81
CA CYS A 213 -27.08 -4.50 -0.48
C CYS A 213 -25.84 -3.59 -0.51
N ASN A 214 -25.97 -2.38 0.03
CA ASN A 214 -24.87 -1.42 0.08
C ASN A 214 -24.73 -0.87 1.48
N LEU A 215 -23.58 -1.10 2.07
CA LEU A 215 -23.34 -0.67 3.43
C LEU A 215 -22.36 0.47 3.53
N ALA A 216 -22.68 1.41 4.41
CA ALA A 216 -21.80 2.53 4.65
C ALA A 216 -21.36 2.29 6.08
N LEU A 217 -20.11 2.58 6.40
CA LEU A 217 -19.67 2.35 7.76
C LEU A 217 -18.52 3.19 8.24
N LYS A 218 -18.31 3.16 9.55
CA LYS A 218 -17.26 3.93 10.19
C LYS A 218 -16.47 3.04 11.12
N PHE A 219 -15.18 3.29 11.18
CA PHE A 219 -14.26 2.55 12.04
C PHE A 219 -13.63 3.54 13.02
N ALA A 220 -13.11 3.03 14.14
CA ALA A 220 -12.45 3.92 15.08
C ALA A 220 -11.25 4.47 14.32
N GLU A 221 -10.78 5.66 14.69
CA GLU A 221 -9.61 6.26 14.04
C GLU A 221 -9.77 6.93 12.68
N GLY A 222 -10.97 7.42 12.40
CA GLY A 222 -11.19 8.14 11.16
C GLY A 222 -11.11 7.42 9.83
N THR A 223 -11.51 6.16 9.78
CA THR A 223 -11.50 5.46 8.52
C THR A 223 -12.91 5.02 8.19
N LEU A 224 -13.36 5.37 6.98
CA LEU A 224 -14.69 5.05 6.51
C LEU A 224 -14.66 3.82 5.61
N GLY A 225 -15.84 3.31 5.26
CA GLY A 225 -15.89 2.15 4.39
C GLY A 225 -17.21 1.95 3.69
N ASN A 226 -17.20 1.07 2.69
CA ASN A 226 -18.42 0.77 1.94
C ASN A 226 -18.36 -0.68 1.53
N ILE A 227 -19.44 -1.40 1.78
CA ILE A 227 -19.49 -2.80 1.39
C ILE A 227 -20.66 -2.96 0.42
N PHE A 228 -20.43 -3.65 -0.68
CA PHE A 228 -21.48 -3.86 -1.66
C PHE A 228 -21.62 -5.33 -2.02
N ILE A 229 -22.78 -5.91 -1.71
CA ILE A 229 -23.06 -7.30 -2.00
C ILE A 229 -24.27 -7.35 -2.92
N ASN A 230 -24.25 -8.19 -3.95
CA ASN A 230 -25.40 -8.22 -4.85
C ASN A 230 -25.44 -9.45 -5.73
N VAL A 231 -26.56 -9.58 -6.42
CA VAL A 231 -26.83 -10.69 -7.32
C VAL A 231 -27.29 -10.11 -8.66
N GLY A 232 -26.81 -10.69 -9.76
CA GLY A 232 -27.23 -10.23 -11.06
C GLY A 232 -26.12 -9.55 -11.85
N LEU A 233 -25.22 -8.87 -11.14
CA LEU A 233 -24.12 -8.21 -11.80
C LEU A 233 -23.08 -9.27 -12.11
N LYS A 234 -22.22 -8.98 -13.08
CA LYS A 234 -21.18 -9.93 -13.48
C LYS A 234 -19.78 -9.41 -13.13
N ILE A 235 -19.71 -8.26 -12.51
CA ILE A 235 -18.44 -7.65 -12.14
C ILE A 235 -17.62 -8.53 -11.20
N PRO A 236 -16.31 -8.26 -11.10
CA PRO A 236 -15.36 -8.99 -10.25
C PRO A 236 -15.58 -8.64 -8.79
N SER A 237 -15.07 -9.45 -7.87
CA SER A 237 -15.22 -9.15 -6.46
C SER A 237 -13.92 -8.60 -5.90
N GLU A 238 -13.89 -7.30 -5.62
CA GLU A 238 -12.67 -6.71 -5.10
C GLU A 238 -12.86 -5.98 -3.79
N THR A 240 -10.76 -3.02 -1.41
CA THR A 240 -9.68 -2.06 -1.52
C THR A 240 -9.42 -1.25 -0.26
N ILE A 241 -8.16 -1.17 0.12
CA ILE A 241 -7.74 -0.44 1.30
C ILE A 241 -6.95 0.77 0.80
N CYS A 242 -7.50 1.96 1.01
CA CYS A 242 -6.84 3.17 0.57
C CYS A 242 -6.23 4.01 1.69
N GLY A 243 -4.91 4.13 1.66
CA GLY A 243 -4.19 4.90 2.64
C GLY A 243 -3.60 6.14 2.02
N THR A 244 -2.97 6.95 2.86
CA THR A 244 -2.36 8.20 2.42
C THR A 244 -1.02 8.01 1.72
N LYS A 245 -0.37 6.87 1.96
CA LYS A 245 0.91 6.55 1.35
C LYS A 245 0.81 5.35 0.41
N GLY A 246 -0.40 4.98 0.01
CA GLY A 246 -0.54 3.83 -0.88
C GLY A 246 -1.79 3.02 -0.62
N GLN A 247 -1.98 1.94 -1.37
CA GLN A 247 -3.14 1.08 -1.21
C GLN A 247 -2.91 -0.38 -1.61
N ILE A 248 -3.94 -1.20 -1.37
CA ILE A 248 -3.91 -2.63 -1.69
C ILE A 248 -5.27 -3.09 -2.23
N VAL A 249 -5.24 -3.85 -3.32
CA VAL A 249 -6.46 -4.36 -3.93
C VAL A 249 -6.49 -5.88 -3.75
N ILE A 250 -7.56 -6.40 -3.18
CA ILE A 250 -7.63 -7.84 -2.96
C ILE A 250 -8.70 -8.54 -3.75
N PRO A 251 -8.29 -9.37 -4.73
CA PRO A 251 -9.25 -10.11 -5.55
C PRO A 251 -9.78 -11.27 -4.71
N ASN A 252 -11.07 -11.59 -4.89
CA ASN A 252 -11.71 -12.68 -4.15
C ASN A 252 -11.12 -12.90 -2.75
N PHE A 253 -11.01 -11.83 -1.97
CA PHE A 253 -10.38 -11.92 -0.65
C PHE A 253 -10.60 -13.18 0.15
N TRP A 254 -11.76 -13.82 0.01
CA TRP A 254 -12.04 -15.03 0.81
C TRP A 254 -11.29 -16.26 0.36
N LYS A 255 -10.73 -16.24 -0.85
CA LYS A 255 -10.00 -17.40 -1.32
C LYS A 255 -8.79 -17.05 -2.20
N THR A 256 -8.32 -15.82 -2.09
CA THR A 256 -7.20 -15.40 -2.91
C THR A 256 -5.78 -15.77 -2.48
N ASP A 257 -4.94 -16.03 -3.48
CA ASP A 257 -3.52 -16.36 -3.28
C ASP A 257 -2.64 -15.15 -3.64
N CYS A 258 -3.27 -14.06 -4.06
CA CYS A 258 -2.51 -12.87 -4.42
C CYS A 258 -3.18 -11.58 -3.93
N ALA A 259 -2.43 -10.48 -4.04
CA ALA A 259 -2.91 -9.17 -3.63
C ALA A 259 -2.11 -8.13 -4.40
N TYR A 260 -2.72 -6.96 -4.61
CA TYR A 260 -2.10 -5.89 -5.37
C TYR A 260 -1.76 -4.65 -4.57
N TYR A 261 -0.53 -4.62 -4.06
CA TYR A 261 -0.03 -3.51 -3.27
C TYR A 261 0.61 -2.39 -4.09
N THR A 262 0.22 -1.15 -3.79
CA THR A 262 0.77 0.03 -4.44
C THR A 262 1.40 0.88 -3.33
N ASP A 263 2.69 1.14 -3.44
CA ASP A 263 3.40 1.88 -2.42
C ASP A 263 3.32 3.39 -2.59
N ALA A 264 3.91 4.11 -1.64
CA ALA A 264 3.89 5.57 -1.66
C ALA A 264 4.50 6.13 -2.94
N GLN A 265 5.68 5.62 -3.29
CA GLN A 265 6.38 6.07 -4.48
C GLN A 265 5.40 6.05 -5.66
N GLY A 266 4.74 4.92 -5.88
CA GLY A 266 3.78 4.84 -6.97
C GLY A 266 3.73 3.51 -7.73
N ASN A 267 4.71 2.65 -7.49
CA ASN A 267 4.74 1.37 -8.17
C ASN A 267 4.02 0.23 -7.43
N THR A 268 3.17 -0.46 -8.17
CA THR A 268 2.39 -1.57 -7.66
C THR A 268 3.00 -2.95 -7.89
N VAL A 269 3.00 -3.78 -6.86
CA VAL A 269 3.53 -5.14 -6.97
C VAL A 269 2.45 -6.17 -6.60
N LYS A 270 2.63 -7.38 -7.10
CA LYS A 270 1.70 -8.45 -6.84
C LYS A 270 2.20 -9.37 -5.72
N TRP A 271 1.51 -9.42 -4.58
CA TRP A 271 1.95 -10.31 -3.50
C TRP A 271 1.44 -11.69 -3.91
N SER A 272 2.17 -12.74 -3.54
CA SER A 272 1.76 -14.07 -3.94
C SER A 272 2.11 -15.16 -2.96
N GLU A 273 1.17 -16.10 -2.81
CA GLU A 273 1.34 -17.25 -1.93
C GLU A 273 0.55 -18.32 -2.64
N GLN A 274 0.77 -19.58 -2.28
CA GLN A 274 0.03 -20.62 -2.93
C GLN A 274 -0.47 -21.58 -1.88
N PHE A 275 -1.55 -22.28 -2.22
CA PHE A 275 -2.15 -23.26 -1.34
C PHE A 275 -3.05 -24.17 -2.14
N THR A 276 -3.42 -25.29 -1.53
CA THR A 276 -4.28 -26.25 -2.19
C THR A 276 -5.68 -26.09 -1.58
N SER A 277 -5.73 -25.65 -0.32
CA SER A 277 -7.02 -25.48 0.34
C SER A 277 -7.16 -24.22 1.20
N GLU A 278 -8.33 -23.59 1.14
CA GLU A 278 -8.57 -22.40 1.94
C GLU A 278 -8.93 -22.90 3.33
N PHE A 279 -9.23 -24.18 3.42
CA PHE A 279 -9.61 -24.79 4.68
C PHE A 279 -8.45 -25.06 5.64
N THR A 280 -7.30 -25.41 5.08
CA THR A 280 -6.14 -25.73 5.90
C THR A 280 -5.75 -24.63 6.90
N TYR A 281 -5.57 -23.41 6.42
CA TYR A 281 -5.20 -22.33 7.32
C TYR A 281 -6.18 -22.23 8.46
N GLU A 282 -7.47 -22.27 8.14
CA GLU A 282 -8.52 -22.20 9.14
C GLU A 282 -8.43 -23.39 10.07
N ILE A 283 -8.21 -24.58 9.52
CA ILE A 283 -8.14 -25.79 10.34
C ILE A 283 -6.96 -25.91 11.29
N ASN A 284 -5.72 -25.88 10.79
CA ASN A 284 -4.63 -26.00 11.75
C ASN A 284 -4.56 -24.81 12.73
N HIS A 285 -5.27 -23.71 12.43
CA HIS A 285 -5.33 -22.60 13.38
C HIS A 285 -6.24 -23.11 14.52
N VAL A 286 -7.32 -23.78 14.11
CA VAL A 286 -8.27 -24.33 15.07
C VAL A 286 -7.59 -25.38 15.93
N ASN A 287 -6.76 -26.22 15.29
CA ASN A 287 -6.04 -27.26 16.02
C ASN A 287 -5.09 -26.63 17.02
N GLN A 288 -4.35 -25.64 16.57
CA GLN A 288 -3.40 -24.92 17.39
C GLN A 288 -4.15 -24.37 18.61
N CYS A 289 -5.44 -24.13 18.45
CA CYS A 289 -6.22 -23.58 19.57
C CYS A 289 -6.55 -24.66 20.57
N LEU A 290 -6.86 -25.84 20.06
CA LEU A 290 -7.20 -26.97 20.91
C LEU A 290 -5.94 -27.41 21.64
N GLN A 291 -4.82 -27.46 20.92
CA GLN A 291 -3.52 -27.86 21.49
C GLN A 291 -3.09 -26.93 22.63
N ASP A 292 -3.26 -25.63 22.46
CA ASP A 292 -2.88 -24.69 23.51
C ASP A 292 -3.95 -24.66 24.62
N LYS A 293 -4.98 -25.48 24.44
CA LYS A 293 -6.06 -25.61 25.40
C LYS A 293 -6.99 -24.40 25.57
N LYS A 294 -7.13 -23.55 24.56
CA LYS A 294 -8.01 -22.38 24.68
C LYS A 294 -9.46 -22.63 24.23
N LEU A 295 -10.37 -21.84 24.81
CA LEU A 295 -11.81 -21.96 24.52
C LEU A 295 -12.29 -21.07 23.40
N THR A 296 -11.52 -20.04 23.12
CA THR A 296 -11.84 -19.08 22.10
C THR A 296 -10.63 -18.80 21.21
N SER A 297 -10.89 -18.31 20.01
CA SER A 297 -9.85 -17.96 19.08
C SER A 297 -9.60 -16.48 19.24
N PRO A 298 -8.32 -16.06 19.21
CA PRO A 298 -7.94 -14.65 19.35
C PRO A 298 -8.28 -13.83 18.11
N VAL A 299 -8.50 -14.52 16.99
CA VAL A 299 -8.82 -13.86 15.74
C VAL A 299 -10.33 -13.74 15.58
N THR A 301 -13.02 -13.83 17.41
CA THR A 301 -13.39 -13.81 18.82
C THR A 301 -14.87 -13.93 19.11
N LYS A 302 -15.21 -14.07 20.39
CA LYS A 302 -16.61 -14.16 20.78
C LYS A 302 -17.21 -12.80 20.43
N GLU A 303 -16.52 -11.77 20.90
CA GLU A 303 -16.96 -10.42 20.66
C GLU A 303 -17.32 -10.19 19.20
N LEU A 304 -16.33 -10.38 18.33
CA LEU A 304 -16.51 -10.15 16.91
C LEU A 304 -17.75 -10.82 16.34
N THR A 305 -17.87 -12.14 16.53
CA THR A 305 -18.99 -12.92 16.03
C THR A 305 -20.34 -12.38 16.54
N ILE A 306 -20.47 -12.30 17.86
CA ILE A 306 -21.70 -11.79 18.45
C ILE A 306 -22.03 -10.42 17.84
N ALA A 307 -21.03 -9.57 17.73
CA ALA A 307 -21.25 -8.25 17.16
C ALA A 307 -21.72 -8.34 15.72
N THR A 308 -21.04 -9.16 14.93
CA THR A 308 -21.37 -9.30 13.53
C THR A 308 -22.82 -9.76 13.36
N VAL A 309 -23.26 -10.67 14.21
CA VAL A 309 -24.63 -11.17 14.14
C VAL A 309 -25.61 -10.07 14.48
N LYS A 310 -25.26 -9.27 15.48
CA LYS A 310 -26.13 -8.18 15.86
C LYS A 310 -26.30 -7.23 14.68
N ILE A 311 -25.20 -6.94 14.01
CA ILE A 311 -25.20 -6.02 12.88
C ILE A 311 -26.01 -6.50 11.70
N VAL A 312 -25.83 -7.78 11.36
CA VAL A 312 -26.58 -8.33 10.23
C VAL A 312 -28.07 -8.37 10.51
N GLU A 313 -28.46 -8.89 11.66
CA GLU A 313 -29.88 -8.98 11.99
C GLU A 313 -30.56 -7.62 12.13
N SER A 314 -29.84 -6.60 12.60
CA SER A 314 -30.44 -5.30 12.76
C SER A 314 -31.01 -4.84 11.42
N PHE A 315 -30.32 -5.18 10.33
CA PHE A 315 -30.76 -4.79 8.99
C PHE A 315 -31.97 -5.53 8.50
N TYR A 316 -32.03 -6.82 8.77
CA TYR A 316 -33.22 -7.57 8.37
C TYR A 316 -34.43 -7.06 9.17
N GLN A 317 -34.15 -6.46 10.30
CA GLN A 317 -35.19 -5.90 11.15
C GLN A 317 -35.74 -4.61 10.57
N GLU A 318 -34.85 -3.75 10.07
CA GLU A 318 -35.30 -2.50 9.46
C GLU A 318 -36.09 -2.84 8.22
N TRP A 319 -35.44 -3.58 7.34
CA TRP A 319 -36.01 -3.97 6.05
C TRP A 319 -37.33 -4.74 5.98
N PHE A 320 -37.24 -6.02 6.30
CA PHE A 320 -38.37 -6.93 6.25
C PHE A 320 -38.91 -7.17 7.64
N ASP A 321 -39.45 -6.11 8.21
CA ASP A 321 -39.95 -6.19 9.57
C ASP A 321 -40.23 -4.76 9.96
N ASN A 322 -40.79 -4.64 11.15
CA ASN A 322 -41.07 -3.43 11.86
C ASN A 322 -42.35 -3.33 12.55
N GLU A 323 -42.51 -4.56 12.99
CA GLU A 323 -43.50 -5.10 13.82
C GLU A 323 -44.46 -4.12 14.45
N ASP B 4 20.19 24.81 -0.25
CA ASP B 4 20.39 26.24 0.10
C ASP B 4 19.06 26.98 0.18
N LYS B 5 18.43 26.97 1.36
CA LYS B 5 17.16 27.66 1.48
C LYS B 5 16.59 27.77 2.91
N ILE B 6 16.94 26.82 3.78
CA ILE B 6 16.47 26.85 5.17
C ILE B 6 17.64 27.36 6.02
N ARG B 7 17.39 28.44 6.75
CA ARG B 7 18.41 29.06 7.59
C ARG B 7 18.35 28.68 9.07
N TYR B 8 19.49 28.20 9.56
CA TYR B 8 19.65 27.78 10.94
C TYR B 8 20.35 28.83 11.79
N GLY B 9 20.21 28.68 13.10
CA GLY B 9 20.86 29.57 14.05
C GLY B 9 21.47 28.77 15.18
N ILE B 10 22.79 28.66 15.20
CA ILE B 10 23.49 27.93 16.25
C ILE B 10 23.47 28.81 17.50
N SER B 12 24.83 28.67 20.43
CA SER B 12 25.93 28.77 21.37
C SER B 12 27.25 28.49 20.70
N THR B 13 28.32 28.44 21.46
CA THR B 13 29.62 28.21 20.88
C THR B 13 30.20 26.84 21.26
N ALA B 14 29.34 25.83 21.31
CA ALA B 14 29.76 24.47 21.65
C ALA B 14 30.90 24.06 20.72
N GLN B 15 31.97 23.50 21.29
CA GLN B 15 33.11 23.08 20.49
C GLN B 15 32.73 22.10 19.39
N ILE B 16 31.49 21.64 19.39
CA ILE B 16 31.04 20.71 18.37
C ILE B 16 30.24 21.39 17.26
N VAL B 17 30.20 22.72 17.27
CA VAL B 17 29.45 23.44 16.25
C VAL B 17 30.05 23.36 14.86
N PRO B 18 31.39 23.48 14.74
CA PRO B 18 31.99 23.40 13.41
C PRO B 18 31.58 22.11 12.69
N ARG B 19 31.62 21.00 13.41
CA ARG B 19 31.27 19.69 12.86
C ARG B 19 29.81 19.63 12.40
N PHE B 20 28.95 20.42 13.05
CA PHE B 20 27.53 20.48 12.73
C PHE B 20 27.33 21.35 11.49
N VAL B 21 28.22 22.33 11.34
CA VAL B 21 28.15 23.23 10.19
C VAL B 21 28.53 22.38 9.00
N ALA B 22 29.66 21.69 9.11
CA ALA B 22 30.13 20.83 8.04
C ALA B 22 28.93 19.98 7.63
N GLY B 23 28.18 19.53 8.64
CA GLY B 23 26.99 18.73 8.39
C GLY B 23 25.83 19.49 7.77
N LEU B 24 25.71 20.77 8.07
CA LEU B 24 24.63 21.58 7.51
C LEU B 24 25.01 22.02 6.09
N ARG B 25 26.31 22.04 5.83
CA ARG B 25 26.83 22.43 4.53
C ARG B 25 26.86 21.20 3.63
N GLU B 26 26.43 20.06 4.17
CA GLU B 26 26.41 18.83 3.40
C GLU B 26 24.99 18.33 3.23
N SER B 27 24.03 19.19 3.54
CA SER B 27 22.62 18.86 3.37
C SER B 27 22.29 19.44 2.02
N ALA B 28 21.06 19.26 1.55
CA ALA B 28 20.69 19.80 0.25
C ALA B 28 19.79 21.02 0.34
N GLN B 29 18.81 20.95 1.24
CA GLN B 29 17.85 22.02 1.43
C GLN B 29 18.12 22.84 2.69
N ALA B 30 19.38 23.17 2.98
CA ALA B 30 19.65 23.95 4.19
C ALA B 30 21.03 24.55 4.33
N GLU B 31 21.09 25.65 5.08
CA GLU B 31 22.33 26.36 5.35
C GLU B 31 22.27 27.05 6.71
N VAL B 32 23.41 27.55 7.17
CA VAL B 32 23.46 28.22 8.46
C VAL B 32 23.79 29.70 8.38
N ARG B 33 23.27 30.45 9.34
CA ARG B 33 23.52 31.88 9.41
C ARG B 33 23.39 32.45 10.82
N GLY B 34 22.94 31.61 11.75
CA GLY B 34 22.76 32.05 13.12
C GLY B 34 23.85 31.65 14.08
N ILE B 35 24.31 32.61 14.87
CA ILE B 35 25.37 32.38 15.84
C ILE B 35 25.17 33.33 17.02
N ALA B 36 25.22 32.78 18.22
CA ALA B 36 25.04 33.58 19.40
C ALA B 36 25.56 32.84 20.61
N SER B 37 26.40 33.54 21.35
CA SER B 37 26.97 33.03 22.59
C SER B 37 26.94 34.26 23.45
N ARG B 38 26.63 34.08 24.72
CA ARG B 38 26.49 35.20 25.64
C ARG B 38 27.55 36.30 25.55
N ARG B 39 28.74 35.96 25.09
CA ARG B 39 29.79 36.97 24.93
C ARG B 39 29.84 37.27 23.44
N LEU B 40 29.45 38.47 23.04
CA LEU B 40 29.41 38.83 21.63
C LEU B 40 30.65 38.49 20.82
N GLU B 41 31.83 38.82 21.36
CA GLU B 41 33.05 38.52 20.65
C GLU B 41 33.14 37.01 20.48
N ASN B 42 32.53 36.30 21.43
CA ASN B 42 32.51 34.85 21.42
C ASN B 42 31.90 34.33 20.12
N ALA B 43 30.59 34.55 19.98
CA ALA B 43 29.85 34.10 18.80
C ALA B 43 30.57 34.52 17.52
N GLN B 44 31.11 35.74 17.53
CA GLN B 44 31.82 36.30 16.39
C GLN B 44 33.12 35.57 16.06
N LYS B 45 33.94 35.30 17.07
CA LYS B 45 35.19 34.60 16.87
C LYS B 45 34.99 33.32 16.07
N ALA B 47 32.48 32.75 14.23
CA ALA B 47 31.83 33.11 12.98
C ALA B 47 32.79 33.43 11.84
N LYS B 48 34.08 33.56 12.13
CA LYS B 48 35.07 33.82 11.09
C LYS B 48 35.53 32.45 10.61
N GLU B 49 36.05 31.69 11.57
CA GLU B 49 36.55 30.35 11.34
C GLU B 49 35.54 29.55 10.53
N LEU B 50 34.27 29.92 10.72
CA LEU B 50 33.21 29.28 9.96
C LEU B 50 32.65 30.51 9.27
N ALA B 51 31.83 30.32 8.25
CA ALA B 51 31.27 31.48 7.58
C ALA B 51 29.82 31.66 7.93
N ILE B 52 29.54 31.87 9.21
CA ILE B 52 28.16 32.13 9.59
C ILE B 52 28.15 33.60 9.23
N PRO B 53 26.97 34.22 9.10
CA PRO B 53 27.24 35.60 8.73
C PRO B 53 26.51 36.70 9.50
N VAL B 54 26.10 36.34 10.69
CA VAL B 54 25.44 37.21 11.62
C VAL B 54 26.02 36.60 12.87
N ALA B 55 26.28 37.43 13.85
CA ALA B 55 26.80 36.99 15.10
C ALA B 55 26.20 37.97 16.06
N TYR B 56 25.38 37.46 16.95
CA TYR B 56 24.78 38.29 17.95
C TYR B 56 25.17 37.73 19.27
N GLY B 57 25.43 38.61 20.22
CA GLY B 57 25.81 38.16 21.54
C GLY B 57 24.62 38.04 22.48
N SER B 58 23.63 37.23 22.12
CA SER B 58 22.40 37.05 22.90
C SER B 58 21.50 36.03 22.25
N TYR B 59 21.07 35.05 23.01
CA TYR B 59 20.18 34.03 22.49
C TYR B 59 18.92 34.78 22.08
N GLU B 60 18.56 35.80 22.86
CA GLU B 60 17.36 36.60 22.58
C GLU B 60 17.40 37.17 21.17
N GLU B 61 18.52 37.79 20.81
CA GLU B 61 18.66 38.38 19.48
C GLU B 61 18.43 37.34 18.41
N LEU B 62 19.13 36.21 18.54
CA LEU B 62 18.99 35.14 17.57
C LEU B 62 17.52 34.78 17.44
N CYS B 63 16.83 34.69 18.57
CA CYS B 63 15.41 34.34 18.59
C CYS B 63 14.48 35.43 18.11
N LYS B 64 14.86 36.68 18.34
CA LYS B 64 14.04 37.82 17.93
C LYS B 64 14.32 38.12 16.46
N ASP B 65 15.14 37.27 15.83
CA ASP B 65 15.52 37.41 14.43
C ASP B 65 14.66 36.48 13.55
N GLU B 66 13.99 37.06 12.55
CA GLU B 66 13.12 36.30 11.67
C GLU B 66 13.82 35.70 10.45
N THR B 67 15.12 35.95 10.31
CA THR B 67 15.87 35.40 9.18
C THR B 67 16.29 33.96 9.50
N ILE B 68 16.07 33.58 10.76
CA ILE B 68 16.40 32.24 11.24
C ILE B 68 15.12 31.40 11.21
N ASP B 69 15.14 30.30 10.48
CA ASP B 69 13.99 29.42 10.33
C ASP B 69 13.97 28.27 11.34
N ILE B 70 15.16 27.94 11.85
CA ILE B 70 15.33 26.86 12.81
C ILE B 70 16.62 27.10 13.59
N ILE B 71 16.60 26.82 14.89
CA ILE B 71 17.77 27.02 15.74
C ILE B 71 18.26 25.75 16.41
N TYR B 72 19.56 25.49 16.26
CA TYR B 72 20.20 24.31 16.85
C TYR B 72 20.79 24.70 18.19
N ILE B 73 20.45 23.91 19.22
CA ILE B 73 20.93 24.19 20.57
C ILE B 73 21.92 23.14 21.07
N PRO B 74 23.22 23.42 20.99
CA PRO B 74 24.21 22.45 21.49
C PRO B 74 24.72 22.93 22.86
N THR B 75 23.91 23.74 23.54
CA THR B 75 24.26 24.30 24.85
C THR B 75 24.46 23.19 25.88
N TYR B 76 24.87 23.55 27.09
CA TYR B 76 25.10 22.56 28.14
C TYR B 76 23.78 22.00 28.68
N ASN B 77 23.83 20.80 29.24
CA ASN B 77 22.67 20.09 29.78
C ASN B 77 21.67 20.86 30.66
N GLN B 78 22.17 21.52 31.69
CA GLN B 78 21.30 22.24 32.62
C GLN B 78 20.46 23.34 31.99
N GLY B 79 20.93 23.89 30.88
CA GLY B 79 20.21 24.98 30.23
C GLY B 79 19.38 24.63 29.01
N HIS B 80 19.32 23.37 28.62
CA HIS B 80 18.53 23.00 27.46
C HIS B 80 17.11 23.53 27.58
N TYR B 81 16.46 23.19 28.69
CA TYR B 81 15.08 23.60 28.96
C TYR B 81 14.78 25.09 28.78
N SER B 82 15.62 25.94 29.36
CA SER B 82 15.45 27.37 29.26
C SER B 82 15.87 27.80 27.88
N ALA B 83 16.94 27.18 27.39
CA ALA B 83 17.46 27.49 26.08
C ALA B 83 16.39 27.28 25.02
N ALA B 84 15.70 26.14 25.12
CA ALA B 84 14.67 25.79 24.17
C ALA B 84 13.37 26.54 24.40
N LYS B 85 12.91 26.55 25.64
CA LYS B 85 11.67 27.25 25.96
C LYS B 85 11.76 28.65 25.41
N LEU B 86 12.99 29.18 25.39
CA LEU B 86 13.27 30.53 24.90
C LEU B 86 13.09 30.73 23.39
N ALA B 87 13.78 29.93 22.60
CA ALA B 87 13.66 30.04 21.15
C ALA B 87 12.29 29.56 20.73
N LEU B 88 11.79 28.55 21.43
CA LEU B 88 10.49 27.97 21.13
C LEU B 88 9.40 29.03 21.25
N SER B 89 9.21 29.59 22.44
CA SER B 89 8.20 30.62 22.61
C SER B 89 8.81 31.92 22.08
N GLN B 90 8.07 32.61 21.21
CA GLN B 90 8.51 33.88 20.64
C GLN B 90 9.50 33.67 19.49
N GLY B 91 9.77 32.42 19.18
CA GLY B 91 10.69 32.14 18.08
C GLY B 91 10.18 30.94 17.33
N LYS B 92 10.98 30.45 16.39
CA LYS B 92 10.57 29.31 15.59
C LYS B 92 11.14 27.96 16.07
N PRO B 93 11.04 26.90 15.22
CA PRO B 93 11.53 25.53 15.47
C PRO B 93 12.93 25.36 16.05
N VAL B 94 13.06 24.37 16.94
CA VAL B 94 14.32 24.08 17.60
C VAL B 94 14.81 22.64 17.52
N LEU B 95 16.11 22.47 17.29
CA LEU B 95 16.75 21.16 17.24
C LEU B 95 17.55 21.10 18.53
N LEU B 96 17.10 20.27 19.47
CA LEU B 96 17.74 20.17 20.80
C LEU B 96 18.62 18.96 21.07
N GLU B 97 19.91 19.23 21.31
CA GLU B 97 20.91 18.18 21.62
C GLU B 97 20.54 17.43 22.92
N LYS B 98 21.05 16.21 23.08
CA LYS B 98 20.75 15.39 24.26
C LYS B 98 21.85 15.36 25.33
N PRO B 99 21.51 14.96 26.57
CA PRO B 99 20.17 14.54 26.96
C PRO B 99 19.43 15.83 26.69
N PHE B 100 18.24 15.73 26.16
CA PHE B 100 17.55 16.94 25.79
C PHE B 100 16.84 17.65 26.93
N THR B 101 16.81 17.00 28.08
CA THR B 101 16.23 17.50 29.33
C THR B 101 16.68 16.54 30.43
N LEU B 102 16.83 17.02 31.65
CA LEU B 102 17.26 16.15 32.74
C LEU B 102 16.08 15.86 33.67
N ASN B 103 14.88 16.20 33.20
CA ASN B 103 13.66 16.01 33.97
C ASN B 103 12.45 15.79 33.08
N ALA B 104 11.75 14.68 33.29
CA ALA B 104 10.58 14.29 32.50
C ALA B 104 9.52 15.38 32.21
N ALA B 105 9.18 16.18 33.21
CA ALA B 105 8.19 17.24 33.00
C ALA B 105 8.75 18.35 32.12
N GLU B 106 10.06 18.55 32.17
CA GLU B 106 10.69 19.59 31.37
C GLU B 106 10.60 19.22 29.90
N ALA B 107 10.80 17.94 29.60
CA ALA B 107 10.74 17.48 28.22
C ALA B 107 9.31 17.47 27.69
N GLU B 108 8.37 16.92 28.46
CA GLU B 108 6.99 16.90 27.99
C GLU B 108 6.39 18.31 27.96
N GLU B 109 7.07 19.25 28.60
CA GLU B 109 6.64 20.64 28.65
C GLU B 109 7.11 21.44 27.44
N LEU B 110 8.27 21.11 26.89
CA LEU B 110 8.78 21.81 25.71
C LEU B 110 7.90 21.48 24.50
N PHE B 111 7.37 20.26 24.52
CA PHE B 111 6.50 19.81 23.44
C PHE B 111 5.12 20.41 23.64
N ALA B 112 4.75 20.68 24.89
CA ALA B 112 3.45 21.27 25.18
C ALA B 112 3.40 22.62 24.49
N ILE B 113 4.38 23.46 24.78
CA ILE B 113 4.44 24.78 24.17
C ILE B 113 4.85 24.63 22.70
N ALA B 114 4.89 23.38 22.25
CA ALA B 114 5.22 23.09 20.87
C ALA B 114 3.92 22.87 20.10
N GLN B 115 2.99 22.13 20.72
CA GLN B 115 1.67 21.82 20.13
C GLN B 115 0.90 23.12 19.87
N GLU B 116 0.94 24.02 20.85
CA GLU B 116 0.29 25.32 20.71
C GLU B 116 1.37 26.11 19.97
N GLN B 117 0.98 27.19 19.31
CA GLN B 117 1.97 27.97 18.57
C GLN B 117 2.58 27.08 17.50
N GLY B 118 1.85 26.06 17.08
CA GLY B 118 2.34 25.14 16.06
C GLY B 118 3.76 25.41 15.63
N VAL B 119 4.69 24.62 16.16
CA VAL B 119 6.10 24.78 15.84
C VAL B 119 6.79 23.42 15.82
N PHE B 120 7.95 23.34 15.17
CA PHE B 120 8.68 22.09 15.08
C PHE B 120 9.69 21.92 16.21
N LEU B 121 9.77 20.71 16.77
CA LEU B 121 10.69 20.42 17.87
C LEU B 121 11.14 18.95 17.86
N GLU B 123 14.50 16.18 19.21
CA GLU B 123 15.71 15.94 19.98
C GLU B 123 16.72 15.52 18.93
N ALA B 124 17.88 16.16 18.93
CA ALA B 124 18.91 15.87 17.94
C ALA B 124 19.54 14.49 18.17
N GLN B 125 19.71 13.74 17.08
CA GLN B 125 20.33 12.42 17.15
C GLN B 125 20.88 12.00 15.80
N LYS B 126 22.12 11.54 15.77
CA LYS B 126 22.77 11.15 14.52
C LYS B 126 22.50 9.70 14.10
N SER B 127 22.51 8.81 15.09
CA SER B 127 22.34 7.38 14.91
C SER B 127 21.14 6.84 14.14
N VAL B 128 19.93 7.27 14.52
CA VAL B 128 18.73 6.78 13.86
C VAL B 128 18.56 7.13 12.39
N PHE B 129 19.33 8.08 11.88
CA PHE B 129 19.17 8.47 10.48
C PHE B 129 20.25 7.96 9.52
N LEU B 130 21.23 7.25 10.04
CA LEU B 130 22.32 6.71 9.21
C LEU B 130 21.80 5.64 8.23
N PRO B 131 22.46 5.53 7.05
CA PRO B 131 22.09 4.57 6.01
C PRO B 131 22.16 3.10 6.43
N ILE B 132 23.14 2.75 7.26
CA ILE B 132 23.29 1.37 7.74
C ILE B 132 22.17 1.06 8.73
N THR B 133 21.68 2.12 9.39
CA THR B 133 20.60 1.98 10.36
C THR B 133 19.31 1.60 9.62
N GLN B 134 19.07 2.31 8.51
CA GLN B 134 17.90 2.08 7.68
C GLN B 134 17.90 0.67 7.11
N LYS B 135 19.08 0.19 6.74
CA LYS B 135 19.22 -1.14 6.18
C LYS B 135 18.92 -2.19 7.26
N VAL B 136 19.58 -2.05 8.41
CA VAL B 136 19.38 -2.94 9.55
C VAL B 136 17.88 -3.03 9.85
N LYS B 137 17.22 -1.87 9.85
CA LYS B 137 15.78 -1.77 10.13
C LYS B 137 14.90 -2.41 9.05
N ALA B 138 15.43 -2.51 7.84
CA ALA B 138 14.66 -3.11 6.74
C ALA B 138 14.75 -4.65 6.78
N THR B 139 15.93 -5.15 7.13
CA THR B 139 16.14 -6.59 7.18
C THR B 139 15.23 -7.25 8.23
N ILE B 140 15.22 -6.72 9.45
CA ILE B 140 14.36 -7.27 10.50
C ILE B 140 12.91 -7.26 9.99
N GLN B 141 12.56 -6.17 9.31
CA GLN B 141 11.24 -5.96 8.72
C GLN B 141 10.83 -7.07 7.75
N GLU B 142 11.66 -7.26 6.72
CA GLU B 142 11.38 -8.27 5.70
C GLU B 142 11.57 -9.69 6.21
N GLY B 143 11.81 -9.83 7.51
CA GLY B 143 12.02 -11.13 8.11
C GLY B 143 13.44 -11.64 7.92
N GLY B 144 14.34 -10.80 7.44
CA GLY B 144 15.71 -11.20 7.21
C GLY B 144 16.37 -12.01 8.32
N LEU B 145 16.04 -11.70 9.57
CA LEU B 145 16.63 -12.42 10.69
C LEU B 145 15.63 -13.34 11.36
N GLY B 146 14.38 -13.27 10.91
CA GLY B 146 13.32 -14.07 11.49
C GLY B 146 12.81 -13.31 12.69
N GLU B 147 12.36 -14.00 13.72
CA GLU B 147 11.87 -13.29 14.90
C GLU B 147 13.10 -12.97 15.75
N ILE B 148 13.25 -11.73 16.19
CA ILE B 148 14.41 -11.35 17.00
C ILE B 148 14.16 -11.65 18.46
N LEU B 149 15.08 -12.39 19.07
CA LEU B 149 14.95 -12.77 20.46
C LEU B 149 15.76 -11.89 21.42
N TRP B 150 16.96 -11.50 20.99
CA TRP B 150 17.82 -10.71 21.85
C TRP B 150 18.64 -9.66 21.12
N VAL B 151 18.82 -8.52 21.78
CA VAL B 151 19.62 -7.41 21.26
C VAL B 151 20.53 -6.95 22.39
N GLN B 152 21.69 -6.43 22.05
CA GLN B 152 22.60 -5.94 23.07
C GLN B 152 23.63 -5.01 22.51
N SER B 153 23.97 -4.00 23.30
CA SER B 153 24.95 -3.00 22.91
C SER B 153 26.01 -2.85 23.99
N VAL B 154 27.26 -2.72 23.56
CA VAL B 154 28.36 -2.53 24.46
C VAL B 154 29.03 -1.23 24.05
N THR B 155 29.15 -0.31 25.01
CA THR B 155 29.78 0.97 24.75
C THR B 155 30.80 1.18 25.85
N ALA B 156 32.03 1.48 25.47
CA ALA B 156 33.09 1.66 26.45
C ALA B 156 34.01 2.82 26.14
N TYR B 157 34.05 3.78 27.05
CA TYR B 157 34.92 4.93 26.89
C TYR B 157 36.10 4.70 27.81
N PRO B 158 37.31 4.66 27.24
CA PRO B 158 38.56 4.45 28.00
C PRO B 158 38.62 5.36 29.23
N ASN B 159 38.26 6.61 29.04
CA ASN B 159 38.25 7.57 30.13
C ASN B 159 37.31 8.72 29.78
N VAL B 160 36.91 9.49 30.78
CA VAL B 160 36.03 10.61 30.53
C VAL B 160 36.66 11.92 30.99
N ASP B 161 37.98 11.92 31.16
CA ASP B 161 38.60 13.15 31.62
C ASP B 161 38.39 14.33 30.67
N HIS B 162 38.04 14.08 29.41
CA HIS B 162 37.78 15.19 28.51
C HIS B 162 36.45 15.85 28.88
N ILE B 163 35.66 15.15 29.70
CA ILE B 163 34.35 15.66 30.16
C ILE B 163 34.42 16.06 31.63
N PRO B 164 34.94 17.27 31.90
CA PRO B 164 35.08 17.79 33.27
C PRO B 164 33.89 17.67 34.22
N TRP B 165 32.68 17.53 33.68
CA TRP B 165 31.49 17.39 34.52
C TRP B 165 30.96 15.96 34.70
N PHE B 166 31.64 14.98 34.10
CA PHE B 166 31.20 13.60 34.16
C PHE B 166 30.63 13.08 35.49
N TYR B 167 31.24 13.46 36.61
CA TYR B 167 30.76 12.96 37.90
C TYR B 167 29.77 13.83 38.66
N SER B 168 29.13 14.74 37.94
CA SER B 168 28.15 15.63 38.53
C SER B 168 26.77 15.23 38.04
N ARG B 169 25.92 14.77 38.96
CA ARG B 169 24.57 14.37 38.62
C ARG B 169 23.87 15.64 38.15
N GLU B 170 24.40 16.79 38.58
CA GLU B 170 23.85 18.11 38.26
C GLU B 170 23.72 18.34 36.76
N ALA B 171 24.72 17.88 36.01
CA ALA B 171 24.68 17.99 34.55
C ALA B 171 24.29 16.59 34.10
N GLY B 172 24.23 16.37 32.81
CA GLY B 172 23.88 15.04 32.33
C GLY B 172 25.02 14.10 32.66
N GLY B 173 25.72 14.39 33.75
CA GLY B 173 26.84 13.56 34.17
C GLY B 173 26.44 12.11 34.39
N GLY B 174 27.38 11.19 34.19
CA GLY B 174 27.07 9.79 34.39
C GLY B 174 27.03 8.99 33.10
N ALA B 175 27.45 7.74 33.17
CA ALA B 175 27.48 6.85 32.02
C ALA B 175 26.13 6.71 31.31
N LEU B 176 25.06 6.55 32.08
CA LEU B 176 23.74 6.39 31.48
C LEU B 176 23.34 7.68 30.77
N HIS B 177 23.53 8.80 31.47
CA HIS B 177 23.19 10.11 30.91
C HIS B 177 23.98 10.33 29.63
N GLY B 178 25.25 9.93 29.66
CA GLY B 178 26.13 10.12 28.53
C GLY B 178 25.88 9.28 27.30
N SER B 179 25.59 8.00 27.49
CA SER B 179 25.39 7.10 26.36
C SER B 179 24.12 6.27 26.35
N GLY B 180 23.31 6.39 27.41
CA GLY B 180 22.08 5.61 27.48
C GLY B 180 21.00 5.88 26.45
N SER B 181 20.72 7.15 26.14
CA SER B 181 19.67 7.52 25.19
C SER B 181 19.74 6.96 23.75
N TYR B 182 20.93 6.92 23.16
CA TYR B 182 21.13 6.43 21.80
C TYR B 182 20.79 4.94 21.60
N PRO B 183 21.40 4.06 22.40
CA PRO B 183 21.12 2.62 22.26
C PRO B 183 19.65 2.38 22.52
N LEU B 184 19.15 3.04 23.55
CA LEU B 184 17.78 2.93 23.99
C LEU B 184 16.77 3.31 22.91
N GLN B 185 17.12 4.28 22.07
CA GLN B 185 16.22 4.71 21.01
C GLN B 185 16.51 3.98 19.71
N TYR B 186 17.76 3.61 19.51
CA TYR B 186 18.16 2.89 18.29
C TYR B 186 17.44 1.55 18.20
N LEU B 187 17.49 0.77 19.27
CA LEU B 187 16.84 -0.52 19.28
C LEU B 187 15.34 -0.42 19.11
N GLN B 188 14.72 0.54 19.78
CA GLN B 188 13.28 0.70 19.65
C GLN B 188 12.96 0.91 18.17
N TYR B 189 13.78 1.75 17.54
CA TYR B 189 13.60 2.08 16.14
C TYR B 189 13.93 0.96 15.13
N VAL B 190 15.01 0.22 15.33
CA VAL B 190 15.34 -0.86 14.39
C VAL B 190 14.49 -2.12 14.59
N LEU B 191 13.76 -2.18 15.70
CA LEU B 191 12.93 -3.33 16.01
C LEU B 191 11.46 -3.01 15.84
N GLY B 192 11.15 -1.74 15.66
CA GLY B 192 9.78 -1.33 15.51
C GLY B 192 8.96 -1.61 16.75
N LYS B 193 9.64 -1.98 17.83
CA LYS B 193 8.95 -2.30 19.09
C LYS B 193 9.28 -1.28 20.19
N GLU B 194 8.35 -1.16 21.13
CA GLU B 194 8.48 -0.23 22.23
C GLU B 194 9.00 -0.96 23.48
N ILE B 195 9.71 -0.25 24.35
CA ILE B 195 10.24 -0.86 25.57
C ILE B 195 9.11 -1.13 26.57
N GLN B 196 9.04 -2.37 27.08
CA GLN B 196 7.98 -2.68 28.03
C GLN B 196 8.53 -2.63 29.44
N GLU B 197 9.79 -3.01 29.59
CA GLU B 197 10.41 -2.93 30.90
C GLU B 197 11.93 -2.91 30.90
N VAL B 198 12.48 -2.22 31.90
CA VAL B 198 13.91 -2.09 32.05
C VAL B 198 14.35 -1.93 33.51
N THR B 199 15.29 -2.79 33.94
CA THR B 199 15.84 -2.76 35.29
C THR B 199 17.32 -2.86 35.09
N GLY B 200 18.10 -2.52 36.12
CA GLY B 200 19.53 -2.60 35.96
C GLY B 200 20.39 -2.50 37.20
N THR B 201 21.69 -2.43 36.93
CA THR B 201 22.71 -2.30 37.95
C THR B 201 23.66 -1.21 37.43
N ALA B 202 24.31 -0.51 38.35
CA ALA B 202 25.23 0.55 38.02
C ALA B 202 26.27 0.59 39.12
N THR B 203 27.40 1.16 38.79
CA THR B 203 28.48 1.27 39.74
C THR B 203 28.62 2.76 39.97
N TYR B 204 28.75 3.17 41.22
CA TYR B 204 28.85 4.59 41.50
C TYR B 204 29.16 4.85 42.94
N GLN B 205 29.69 6.03 43.21
CA GLN B 205 30.01 6.46 44.56
C GLN B 205 28.93 7.48 44.89
N GLN B 206 28.30 7.39 46.07
CA GLN B 206 27.25 8.35 46.40
C GLN B 206 27.73 9.78 46.27
N GLY B 207 26.86 10.64 45.74
CA GLY B 207 27.20 12.04 45.54
C GLY B 207 27.89 12.28 44.21
N ALA B 208 28.15 11.19 43.48
CA ALA B 208 28.81 11.25 42.17
C ALA B 208 27.90 10.47 41.20
N THR B 209 28.24 10.42 39.90
CA THR B 209 27.40 9.70 38.95
C THR B 209 27.93 8.30 38.71
N ASP B 210 27.22 7.51 37.89
CA ASP B 210 27.61 6.13 37.60
C ASP B 210 28.74 5.98 36.58
N SER B 211 29.81 5.29 36.98
CA SER B 211 30.95 5.07 36.10
C SER B 211 30.60 4.06 35.01
N GLN B 212 29.66 3.17 35.31
CA GLN B 212 29.24 2.16 34.35
C GLN B 212 27.87 1.63 34.79
N CYS B 213 27.18 0.95 33.87
CA CYS B 213 25.87 0.39 34.14
C CYS B 213 25.50 -0.69 33.13
N ASN B 214 24.62 -1.59 33.55
CA ASN B 214 24.16 -2.68 32.70
C ASN B 214 22.65 -2.85 32.81
N LEU B 215 21.97 -2.55 31.72
CA LEU B 215 20.51 -2.60 31.67
C LEU B 215 19.88 -3.90 31.16
N ALA B 216 18.86 -4.38 31.89
CA ALA B 216 18.10 -5.57 31.51
C ALA B 216 16.90 -4.99 30.78
N LEU B 217 16.61 -5.48 29.59
CA LEU B 217 15.51 -4.94 28.82
C LEU B 217 14.53 -5.99 28.33
N LYS B 218 13.34 -5.50 27.98
CA LYS B 218 12.26 -6.32 27.42
C LYS B 218 11.43 -5.43 26.47
N PHE B 219 11.14 -5.93 25.29
CA PHE B 219 10.40 -5.17 24.31
C PHE B 219 8.98 -5.67 24.07
N ALA B 220 8.24 -4.92 23.26
CA ALA B 220 6.87 -5.25 22.91
C ALA B 220 6.72 -6.73 22.67
N GLU B 221 7.44 -7.34 21.73
CA GLU B 221 7.20 -8.76 21.60
C GLU B 221 8.31 -9.76 21.49
N GLY B 222 8.40 -10.54 22.56
CA GLY B 222 9.39 -11.61 22.69
C GLY B 222 10.82 -11.19 22.63
N THR B 223 11.12 -9.91 22.77
CA THR B 223 12.50 -9.51 22.69
C THR B 223 13.08 -8.97 23.96
N LEU B 224 14.23 -9.53 24.30
CA LEU B 224 14.95 -9.11 25.48
C LEU B 224 16.16 -8.33 25.00
N GLY B 225 16.83 -7.68 25.93
CA GLY B 225 17.99 -6.93 25.55
C GLY B 225 18.87 -6.69 26.74
N ASN B 226 20.07 -6.23 26.46
CA ASN B 226 21.03 -5.90 27.49
C ASN B 226 21.84 -4.73 27.00
N ILE B 227 21.90 -3.68 27.78
CA ILE B 227 22.70 -2.53 27.39
C ILE B 227 23.80 -2.34 28.42
N PHE B 228 25.02 -2.25 27.92
CA PHE B 228 26.16 -2.08 28.80
C PHE B 228 26.97 -0.90 28.36
N ILE B 229 27.13 0.03 29.29
CA ILE B 229 27.89 1.26 29.09
C ILE B 229 28.91 1.31 30.21
N ASN B 230 30.17 1.51 29.86
CA ASN B 230 31.23 1.55 30.84
C ASN B 230 32.27 2.62 30.59
N VAL B 231 32.98 2.95 31.65
CA VAL B 231 34.06 3.91 31.60
C VAL B 231 35.19 3.15 32.28
N GLY B 232 36.29 2.92 31.56
CA GLY B 232 37.40 2.19 32.14
C GLY B 232 37.95 1.03 31.33
N LEU B 233 37.14 0.46 30.44
CA LEU B 233 37.53 -0.68 29.60
C LEU B 233 37.95 -0.19 28.22
N LYS B 234 38.73 -1.00 27.52
CA LYS B 234 39.20 -0.62 26.19
C LYS B 234 38.58 -1.47 25.08
N ILE B 235 37.54 -2.21 25.42
CA ILE B 235 36.81 -3.07 24.49
C ILE B 235 36.11 -2.29 23.37
N PRO B 236 35.80 -2.96 22.25
CA PRO B 236 35.12 -2.29 21.13
C PRO B 236 33.64 -2.07 21.45
N SER B 237 33.04 -1.09 20.77
CA SER B 237 31.62 -0.83 20.95
C SER B 237 30.89 -1.58 19.85
N GLU B 238 30.08 -2.56 20.21
CA GLU B 238 29.35 -3.33 19.22
C GLU B 238 27.92 -3.59 19.64
N THR B 240 24.76 -6.09 18.85
CA THR B 240 24.44 -7.35 18.20
C THR B 240 22.94 -7.68 18.25
N ILE B 241 22.35 -7.85 17.07
CA ILE B 241 20.95 -8.22 16.98
C ILE B 241 20.93 -9.73 16.70
N CYS B 242 20.15 -10.48 17.47
CA CYS B 242 20.09 -11.93 17.27
C CYS B 242 18.68 -12.43 16.96
N GLY B 243 18.51 -12.91 15.73
CA GLY B 243 17.23 -13.42 15.30
C GLY B 243 17.32 -14.92 15.16
N THR B 244 16.18 -15.56 15.00
CA THR B 244 16.09 -17.01 14.89
C THR B 244 16.72 -17.51 13.59
N LYS B 245 16.97 -16.58 12.67
CA LYS B 245 17.56 -16.94 11.39
C LYS B 245 18.83 -16.18 11.03
N GLY B 246 19.24 -15.21 11.83
CA GLY B 246 20.45 -14.48 11.49
C GLY B 246 20.92 -13.45 12.50
N GLN B 247 22.07 -12.87 12.22
CA GLN B 247 22.64 -11.88 13.11
C GLN B 247 23.23 -10.67 12.38
N ILE B 248 23.28 -9.55 13.10
CA ILE B 248 23.85 -8.31 12.58
C ILE B 248 24.64 -7.66 13.69
N VAL B 249 25.88 -7.32 13.39
CA VAL B 249 26.75 -6.68 14.36
C VAL B 249 27.09 -5.31 13.83
N ILE B 250 26.95 -4.30 14.70
CA ILE B 250 27.22 -2.93 14.31
C ILE B 250 28.25 -2.24 15.17
N PRO B 251 29.43 -1.95 14.60
CA PRO B 251 30.47 -1.28 15.39
C PRO B 251 30.11 0.21 15.44
N ASN B 252 30.12 0.80 16.62
CA ASN B 252 29.81 2.24 16.73
C ASN B 252 28.56 2.59 15.95
N PHE B 253 27.45 2.02 16.36
CA PHE B 253 26.18 2.21 15.69
C PHE B 253 25.75 3.64 15.43
N TRP B 254 26.27 4.56 16.22
CA TRP B 254 25.90 5.96 16.07
C TRP B 254 26.68 6.72 15.00
N LYS B 255 27.81 6.16 14.59
CA LYS B 255 28.63 6.79 13.56
C LYS B 255 29.34 5.74 12.70
N THR B 256 28.66 4.65 12.38
CA THR B 256 29.28 3.62 11.56
C THR B 256 28.84 3.66 10.12
N ASP B 257 29.74 3.24 9.24
CA ASP B 257 29.46 3.20 7.82
C ASP B 257 29.27 1.73 7.44
N CYS B 258 29.44 0.84 8.42
CA CYS B 258 29.34 -0.58 8.14
C CYS B 258 28.62 -1.39 9.20
N ALA B 259 28.37 -2.66 8.87
CA ALA B 259 27.70 -3.63 9.73
C ALA B 259 27.96 -5.04 9.19
N TYR B 260 27.68 -6.06 9.99
CA TYR B 260 27.90 -7.44 9.59
C TYR B 260 26.67 -8.30 9.76
N TYR B 261 26.26 -8.97 8.69
CA TYR B 261 25.09 -9.85 8.71
C TYR B 261 25.49 -11.31 8.59
N THR B 262 24.91 -12.15 9.45
CA THR B 262 25.21 -13.57 9.43
C THR B 262 23.89 -14.28 9.19
N ASP B 263 23.93 -15.33 8.36
CA ASP B 263 22.73 -16.08 8.02
C ASP B 263 22.58 -17.34 8.87
N ALA B 264 21.53 -18.12 8.63
CA ALA B 264 21.29 -19.34 9.38
C ALA B 264 22.45 -20.33 9.23
N GLN B 265 23.31 -20.08 8.24
CA GLN B 265 24.48 -20.90 8.00
C GLN B 265 25.69 -20.11 8.55
N GLY B 266 26.90 -20.59 8.34
CA GLY B 266 28.06 -19.88 8.87
C GLY B 266 28.36 -18.54 8.21
N ASN B 267 27.80 -18.32 7.03
CA ASN B 267 28.03 -17.11 6.27
C ASN B 267 27.72 -15.77 6.94
N THR B 268 28.70 -14.88 6.91
CA THR B 268 28.59 -13.55 7.47
C THR B 268 29.16 -12.65 6.37
N VAL B 269 28.53 -11.51 6.11
CA VAL B 269 28.96 -10.59 5.06
C VAL B 269 29.06 -9.18 5.60
N LYS B 270 29.86 -8.33 4.96
CA LYS B 270 30.01 -6.94 5.40
C LYS B 270 29.24 -5.93 4.55
N TRP B 271 28.45 -5.10 5.20
CA TRP B 271 27.67 -4.07 4.54
C TRP B 271 28.50 -2.80 4.49
N SER B 272 28.28 -1.96 3.48
CA SER B 272 29.00 -0.70 3.38
C SER B 272 28.15 0.41 2.80
N GLU B 273 28.30 1.60 3.37
CA GLU B 273 27.63 2.82 2.96
C GLU B 273 28.76 3.77 3.27
N GLN B 274 28.90 4.82 2.49
CA GLN B 274 30.04 5.68 2.71
C GLN B 274 29.92 7.14 2.98
N PHE B 275 31.10 7.64 3.29
CA PHE B 275 31.38 9.05 3.53
C PHE B 275 30.45 9.96 4.28
N THR B 276 30.23 11.07 3.62
CA THR B 276 29.37 12.16 4.03
C THR B 276 29.71 12.77 5.43
N SER B 277 28.79 13.62 5.86
CA SER B 277 28.80 14.28 7.14
C SER B 277 27.99 13.33 8.03
N GLU B 278 28.52 12.91 9.16
CA GLU B 278 27.71 12.02 9.96
C GLU B 278 26.45 12.80 10.32
N PHE B 279 26.49 14.11 10.11
CA PHE B 279 25.36 15.00 10.44
C PHE B 279 24.31 15.29 9.37
N THR B 280 24.56 14.87 8.14
CA THR B 280 23.66 15.13 7.03
C THR B 280 22.32 14.42 7.06
N TYR B 281 22.34 13.14 7.40
CA TYR B 281 21.11 12.36 7.43
C TYR B 281 20.07 12.86 8.42
N GLU B 282 20.50 13.38 9.55
CA GLU B 282 19.57 13.90 10.54
C GLU B 282 19.02 15.24 10.08
N ILE B 283 19.90 16.08 9.53
CA ILE B 283 19.50 17.41 9.06
C ILE B 283 18.45 17.32 7.95
N ASN B 284 18.76 16.54 6.91
CA ASN B 284 17.85 16.38 5.80
C ASN B 284 16.47 15.93 6.27
N HIS B 285 16.44 15.09 7.30
CA HIS B 285 15.16 14.64 7.81
C HIS B 285 14.44 15.83 8.43
N VAL B 286 15.19 16.72 9.08
CA VAL B 286 14.59 17.89 9.71
C VAL B 286 14.05 18.78 8.62
N ASN B 287 14.89 18.99 7.60
CA ASN B 287 14.52 19.81 6.46
C ASN B 287 13.21 19.33 5.88
N GLN B 288 13.11 18.03 5.65
CA GLN B 288 11.92 17.44 5.07
C GLN B 288 10.78 17.40 6.09
N CYS B 289 11.11 17.31 7.37
CA CYS B 289 10.07 17.27 8.39
C CYS B 289 9.37 18.62 8.47
N LEU B 290 10.00 19.63 7.90
CA LEU B 290 9.44 20.97 7.91
C LEU B 290 8.53 21.21 6.68
N GLN B 291 8.97 20.79 5.49
CA GLN B 291 8.19 20.97 4.26
C GLN B 291 6.81 20.35 4.44
N ASP B 292 6.82 19.10 4.85
CA ASP B 292 5.59 18.35 5.07
C ASP B 292 4.81 19.05 6.19
N LYS B 293 5.46 20.02 6.82
CA LYS B 293 4.91 20.84 7.90
C LYS B 293 4.14 20.14 9.04
N LYS B 294 4.86 19.46 9.91
CA LYS B 294 4.26 18.77 11.05
C LYS B 294 5.03 19.03 12.34
N LEU B 295 4.33 18.98 13.46
CA LEU B 295 4.93 19.23 14.77
C LEU B 295 6.00 18.18 15.11
N THR B 296 5.62 16.92 15.00
CA THR B 296 6.50 15.81 15.33
C THR B 296 7.28 15.24 14.14
N SER B 297 8.16 14.29 14.46
CA SER B 297 8.94 13.61 13.44
C SER B 297 8.59 12.14 13.50
N PRO B 298 8.25 11.54 12.36
CA PRO B 298 7.92 10.12 12.38
C PRO B 298 8.98 9.27 13.08
N VAL B 299 10.24 9.66 12.94
CA VAL B 299 11.37 8.92 13.52
C VAL B 299 11.66 9.13 15.01
N THR B 301 10.09 10.53 17.68
CA THR B 301 8.81 11.04 18.14
C THR B 301 8.97 11.77 19.47
N LYS B 302 7.92 12.49 19.88
CA LYS B 302 7.95 13.19 21.15
C LYS B 302 7.81 12.09 22.20
N GLU B 303 6.95 11.12 21.91
CA GLU B 303 6.73 10.01 22.82
C GLU B 303 8.06 9.33 23.17
N LEU B 304 8.82 8.97 22.13
CA LEU B 304 10.10 8.32 22.30
C LEU B 304 11.06 9.16 23.15
N THR B 305 11.05 10.46 22.90
CA THR B 305 11.89 11.37 23.65
C THR B 305 11.41 11.50 25.08
N ILE B 306 10.10 11.60 25.26
CA ILE B 306 9.51 11.73 26.60
C ILE B 306 9.82 10.49 27.42
N ALA B 307 9.46 9.34 26.87
CA ALA B 307 9.68 8.07 27.56
C ALA B 307 11.15 7.88 27.96
N THR B 308 12.06 8.20 27.04
CA THR B 308 13.48 8.04 27.29
C THR B 308 14.00 8.82 28.50
N VAL B 309 13.57 10.06 28.63
CA VAL B 309 14.01 10.87 29.76
C VAL B 309 13.42 10.28 31.03
N LYS B 310 12.14 9.90 30.96
CA LYS B 310 11.48 9.31 32.10
C LYS B 310 12.27 8.07 32.52
N ILE B 311 12.73 7.32 31.52
CA ILE B 311 13.50 6.10 31.79
C ILE B 311 14.83 6.42 32.43
N VAL B 312 15.65 7.21 31.74
CA VAL B 312 16.96 7.58 32.27
C VAL B 312 16.86 8.20 33.66
N GLU B 313 16.10 9.28 33.77
CA GLU B 313 15.96 9.94 35.06
C GLU B 313 15.45 9.04 36.18
N SER B 314 14.59 8.10 35.83
CA SER B 314 14.06 7.15 36.80
C SER B 314 15.22 6.42 37.49
N PHE B 315 16.30 6.20 36.74
CA PHE B 315 17.49 5.51 37.26
C PHE B 315 18.33 6.37 38.18
N TYR B 316 18.59 7.59 37.76
CA TYR B 316 19.37 8.52 38.57
C TYR B 316 18.54 8.81 39.82
N GLN B 317 17.25 8.54 39.72
CA GLN B 317 16.35 8.75 40.83
C GLN B 317 16.64 7.61 41.80
N GLU B 318 16.66 6.39 41.27
CA GLU B 318 16.89 5.20 42.08
C GLU B 318 18.30 5.10 42.66
N TRP B 319 19.29 5.58 41.91
CA TRP B 319 20.66 5.51 42.38
C TRP B 319 21.03 6.56 43.40
N PHE B 320 20.62 7.80 43.18
CA PHE B 320 21.01 8.85 44.10
C PHE B 320 19.94 9.47 44.98
N ASP B 321 18.67 9.23 44.66
CA ASP B 321 17.61 9.79 45.48
C ASP B 321 16.96 8.70 46.31
N ASP C 4 35.85 -36.20 -7.43
CA ASP C 4 34.59 -36.09 -6.62
C ASP C 4 33.39 -35.68 -7.48
N LYS C 5 33.05 -36.55 -8.44
CA LYS C 5 31.96 -36.27 -9.38
C LYS C 5 30.72 -35.73 -8.64
N ILE C 6 30.04 -34.81 -9.30
CA ILE C 6 28.84 -34.21 -8.75
C ILE C 6 27.69 -34.61 -9.67
N ARG C 7 26.67 -35.22 -9.10
CA ARG C 7 25.55 -35.70 -9.88
C ARG C 7 24.38 -34.75 -10.06
N TYR C 8 23.99 -34.55 -11.31
CA TYR C 8 22.88 -33.68 -11.69
C TYR C 8 21.58 -34.41 -12.00
N GLY C 9 20.47 -33.77 -11.67
CA GLY C 9 19.17 -34.31 -11.96
C GLY C 9 18.51 -33.29 -12.87
N ILE C 10 17.58 -33.72 -13.70
CA ILE C 10 16.91 -32.79 -14.60
C ILE C 10 15.42 -32.94 -14.40
N SER C 12 12.71 -32.20 -16.06
CA SER C 12 11.82 -32.02 -17.20
C SER C 12 12.45 -32.58 -18.47
N THR C 13 11.61 -32.83 -19.46
CA THR C 13 12.09 -33.36 -20.72
C THR C 13 12.02 -32.21 -21.73
N ALA C 14 12.50 -31.06 -21.29
CA ALA C 14 12.51 -29.86 -22.12
C ALA C 14 13.46 -29.97 -23.31
N GLN C 15 13.05 -29.28 -24.37
CA GLN C 15 13.75 -29.21 -25.63
C GLN C 15 15.24 -28.92 -25.46
N ILE C 16 15.56 -28.04 -24.53
CA ILE C 16 16.95 -27.64 -24.27
C ILE C 16 17.80 -28.62 -23.48
N VAL C 17 17.17 -29.54 -22.77
CA VAL C 17 17.90 -30.50 -21.95
C VAL C 17 19.10 -31.14 -22.66
N PRO C 18 18.90 -31.69 -23.87
CA PRO C 18 20.04 -32.31 -24.56
C PRO C 18 21.28 -31.40 -24.72
N ARG C 19 21.10 -30.13 -25.01
CA ARG C 19 22.24 -29.23 -25.13
C ARG C 19 22.81 -29.00 -23.73
N PHE C 20 21.94 -28.97 -22.73
CA PHE C 20 22.36 -28.79 -21.35
C PHE C 20 23.19 -29.99 -20.92
N VAL C 21 22.79 -31.17 -21.36
CA VAL C 21 23.51 -32.39 -21.02
C VAL C 21 24.82 -32.44 -21.81
N ALA C 22 24.79 -31.88 -23.00
CA ALA C 22 25.97 -31.82 -23.86
C ALA C 22 27.11 -31.13 -23.10
N GLY C 23 26.84 -29.90 -22.65
CA GLY C 23 27.84 -29.13 -21.93
C GLY C 23 28.21 -29.77 -20.60
N LEU C 24 27.28 -30.51 -20.01
CA LEU C 24 27.54 -31.14 -18.73
C LEU C 24 28.67 -32.14 -18.88
N ARG C 25 28.67 -32.87 -20.00
CA ARG C 25 29.68 -33.87 -20.27
C ARG C 25 31.03 -33.21 -20.63
N GLU C 26 30.98 -31.96 -21.06
CA GLU C 26 32.19 -31.24 -21.39
C GLU C 26 32.81 -30.65 -20.15
N SER C 27 32.09 -30.71 -19.05
CA SER C 27 32.55 -30.18 -17.79
C SER C 27 33.55 -31.13 -17.13
N ALA C 28 34.38 -30.58 -16.25
CA ALA C 28 35.39 -31.36 -15.53
C ALA C 28 34.79 -32.20 -14.41
N GLN C 29 33.96 -31.58 -13.57
CA GLN C 29 33.35 -32.26 -12.43
C GLN C 29 31.91 -32.73 -12.60
N ALA C 30 31.25 -32.28 -13.66
CA ALA C 30 29.84 -32.62 -13.89
C ALA C 30 29.59 -34.04 -14.39
N GLU C 31 28.36 -34.51 -14.16
CA GLU C 31 27.90 -35.85 -14.51
C GLU C 31 26.38 -35.92 -14.34
N VAL C 32 25.67 -36.35 -15.38
CA VAL C 32 24.22 -36.48 -15.32
C VAL C 32 23.81 -37.83 -14.77
N ARG C 33 22.88 -37.85 -13.83
CA ARG C 33 22.43 -39.10 -13.27
C ARG C 33 20.93 -39.26 -13.20
N GLY C 34 20.19 -38.26 -13.65
CA GLY C 34 18.75 -38.41 -13.59
C GLY C 34 17.90 -37.38 -14.30
N ILE C 35 16.67 -37.80 -14.61
CA ILE C 35 15.68 -36.97 -15.28
C ILE C 35 14.31 -37.57 -14.92
N ALA C 36 13.38 -36.69 -14.54
CA ALA C 36 12.02 -37.07 -14.14
C ALA C 36 11.08 -36.35 -15.07
N SER C 37 9.87 -36.86 -15.26
CA SER C 37 8.97 -36.20 -16.22
C SER C 37 7.46 -36.08 -15.98
N ARG C 38 6.93 -36.62 -14.87
CA ARG C 38 5.48 -36.57 -14.60
C ARG C 38 4.82 -37.75 -15.32
N ARG C 39 5.60 -38.35 -16.22
CA ARG C 39 5.18 -39.52 -16.98
C ARG C 39 6.45 -40.31 -17.25
N LEU C 40 6.55 -41.48 -16.64
CA LEU C 40 7.74 -42.33 -16.76
C LEU C 40 8.41 -42.44 -18.12
N GLU C 41 7.67 -42.95 -19.10
CA GLU C 41 8.20 -43.15 -20.44
C GLU C 41 8.66 -41.88 -21.13
N ASN C 42 7.86 -40.82 -21.00
CA ASN C 42 8.21 -39.55 -21.61
C ASN C 42 9.64 -39.28 -21.13
N ALA C 43 9.86 -39.54 -19.84
CA ALA C 43 11.17 -39.38 -19.24
C ALA C 43 12.11 -40.39 -19.86
N GLN C 44 11.83 -41.67 -19.60
CA GLN C 44 12.65 -42.76 -20.11
C GLN C 44 13.07 -42.60 -21.57
N LYS C 45 12.17 -42.04 -22.39
CA LYS C 45 12.48 -41.80 -23.80
C LYS C 45 13.72 -40.93 -23.95
N ALA C 47 15.60 -40.13 -21.63
CA ALA C 47 16.56 -40.75 -20.75
C ALA C 47 17.49 -41.71 -21.49
N LYS C 48 16.93 -42.49 -22.40
CA LYS C 48 17.77 -43.41 -23.15
C LYS C 48 18.45 -42.70 -24.30
N GLU C 49 17.70 -41.84 -24.99
CA GLU C 49 18.25 -41.09 -26.11
C GLU C 49 19.58 -40.53 -25.63
N LEU C 50 19.57 -39.91 -24.46
CA LEU C 50 20.80 -39.40 -23.86
C LEU C 50 21.26 -40.54 -22.95
N ALA C 51 22.51 -40.54 -22.53
CA ALA C 51 22.97 -41.63 -21.67
C ALA C 51 22.56 -41.45 -20.23
N ILE C 52 21.36 -40.94 -20.01
CA ILE C 52 20.88 -40.70 -18.66
C ILE C 52 20.27 -41.91 -17.94
N PRO C 53 20.92 -42.38 -16.87
CA PRO C 53 20.29 -43.53 -16.22
C PRO C 53 19.21 -42.93 -15.32
N VAL C 54 18.33 -43.77 -14.78
CA VAL C 54 17.33 -43.30 -13.83
C VAL C 54 16.15 -42.39 -14.19
N ALA C 55 15.13 -42.91 -14.85
CA ALA C 55 13.96 -42.09 -15.12
C ALA C 55 13.08 -42.10 -13.85
N TYR C 56 12.12 -41.18 -13.73
CA TYR C 56 11.29 -41.16 -12.53
C TYR C 56 9.80 -40.84 -12.65
N GLY C 57 9.31 -40.58 -13.85
CA GLY C 57 7.89 -40.30 -14.01
C GLY C 57 7.17 -39.41 -12.99
N SER C 58 7.93 -38.74 -12.13
CA SER C 58 7.37 -37.83 -11.14
C SER C 58 8.54 -37.05 -10.56
N TYR C 59 8.34 -35.76 -10.33
CA TYR C 59 9.39 -34.90 -9.78
C TYR C 59 9.72 -35.26 -8.33
N GLU C 60 8.72 -35.77 -7.61
CA GLU C 60 8.88 -36.14 -6.21
C GLU C 60 9.88 -37.25 -5.96
N GLU C 61 10.05 -38.16 -6.91
CA GLU C 61 10.99 -39.25 -6.72
C GLU C 61 12.43 -38.74 -6.91
N LEU C 62 12.62 -37.89 -7.91
CA LEU C 62 13.92 -37.31 -8.19
C LEU C 62 14.40 -36.55 -6.97
N CYS C 63 13.44 -35.96 -6.24
CA CYS C 63 13.77 -35.18 -5.05
C CYS C 63 14.06 -36.03 -3.80
N LYS C 64 13.63 -37.29 -3.82
CA LYS C 64 13.87 -38.18 -2.68
C LYS C 64 15.05 -39.11 -2.95
N ASP C 65 15.71 -38.92 -4.08
CA ASP C 65 16.85 -39.76 -4.44
C ASP C 65 18.16 -39.15 -3.94
N GLU C 66 18.73 -39.77 -2.92
CA GLU C 66 19.97 -39.30 -2.32
C GLU C 66 21.15 -39.34 -3.29
N THR C 67 20.87 -39.77 -4.51
CA THR C 67 21.90 -39.87 -5.51
C THR C 67 22.09 -38.53 -6.22
N ILE C 68 21.01 -37.77 -6.33
CA ILE C 68 21.02 -36.45 -6.98
C ILE C 68 21.59 -35.36 -6.09
N ASP C 69 22.63 -34.68 -6.58
CA ASP C 69 23.29 -33.62 -5.84
C ASP C 69 22.78 -32.21 -6.16
N ILE C 70 22.07 -32.08 -7.27
CA ILE C 70 21.56 -30.79 -7.67
C ILE C 70 20.59 -30.99 -8.85
N ILE C 71 19.45 -30.32 -8.79
CA ILE C 71 18.45 -30.46 -9.83
C ILE C 71 18.32 -29.21 -10.68
N TYR C 72 18.65 -29.37 -11.97
CA TYR C 72 18.53 -28.29 -12.93
C TYR C 72 17.05 -28.30 -13.34
N ILE C 73 16.43 -27.12 -13.40
CA ILE C 73 15.02 -27.04 -13.76
C ILE C 73 14.69 -26.14 -14.95
N PRO C 74 14.61 -26.74 -16.16
CA PRO C 74 14.31 -26.02 -17.40
C PRO C 74 12.84 -26.15 -17.78
N THR C 75 12.02 -26.55 -16.82
CA THR C 75 10.60 -26.75 -17.06
C THR C 75 9.94 -25.49 -17.58
N TYR C 76 8.67 -25.59 -17.99
CA TYR C 76 7.98 -24.42 -18.54
C TYR C 76 7.88 -23.32 -17.49
N ASN C 77 7.91 -22.07 -17.96
CA ASN C 77 7.89 -20.91 -17.06
C ASN C 77 7.03 -20.96 -15.79
N GLN C 78 5.69 -20.98 -15.92
CA GLN C 78 4.79 -21.00 -14.75
C GLN C 78 5.13 -22.07 -13.71
N GLY C 79 5.97 -23.02 -14.11
CA GLY C 79 6.36 -24.08 -13.22
C GLY C 79 7.62 -23.83 -12.43
N HIS C 80 8.38 -22.79 -12.76
CA HIS C 80 9.62 -22.53 -12.03
C HIS C 80 9.44 -22.45 -10.53
N TYR C 81 8.44 -21.70 -10.09
CA TYR C 81 8.17 -21.56 -8.66
C TYR C 81 7.84 -22.94 -8.12
N SER C 82 6.72 -23.47 -8.61
CA SER C 82 6.23 -24.79 -8.24
C SER C 82 7.33 -25.83 -8.13
N ALA C 83 8.01 -26.07 -9.25
CA ALA C 83 9.08 -27.07 -9.33
C ALA C 83 10.25 -26.79 -8.38
N ALA C 84 10.69 -25.54 -8.34
CA ALA C 84 11.80 -25.18 -7.47
C ALA C 84 11.47 -25.32 -5.99
N LYS C 85 10.28 -24.86 -5.62
CA LYS C 85 9.84 -24.93 -4.24
C LYS C 85 9.90 -26.36 -3.74
N LEU C 86 9.39 -27.30 -4.55
CA LEU C 86 9.43 -28.69 -4.15
C LEU C 86 10.88 -29.07 -3.98
N ALA C 87 11.65 -28.81 -5.03
CA ALA C 87 13.07 -29.12 -5.04
C ALA C 87 13.77 -28.64 -3.78
N LEU C 88 13.74 -27.34 -3.58
CA LEU C 88 14.39 -26.75 -2.41
C LEU C 88 13.83 -27.24 -1.09
N SER C 89 12.51 -27.25 -0.95
CA SER C 89 11.90 -27.68 0.31
C SER C 89 12.25 -29.13 0.65
N GLN C 90 12.71 -29.85 -0.36
CA GLN C 90 13.11 -31.26 -0.23
C GLN C 90 14.64 -31.38 -0.08
N GLY C 91 15.28 -30.27 0.28
CA GLY C 91 16.72 -30.29 0.51
C GLY C 91 17.69 -30.42 -0.65
N LYS C 92 17.23 -30.27 -1.89
CA LYS C 92 18.12 -30.39 -3.04
C LYS C 92 18.45 -29.03 -3.66
N PRO C 93 19.75 -28.78 -3.96
CA PRO C 93 20.13 -27.49 -4.56
C PRO C 93 19.45 -27.36 -5.91
N VAL C 94 19.14 -26.14 -6.31
CA VAL C 94 18.45 -25.93 -7.58
C VAL C 94 19.13 -24.99 -8.57
N LEU C 95 19.12 -25.39 -9.82
CA LEU C 95 19.67 -24.58 -10.89
C LEU C 95 18.42 -24.33 -11.68
N LEU C 96 17.86 -23.14 -11.53
CA LEU C 96 16.62 -22.78 -12.20
C LEU C 96 16.85 -22.02 -13.48
N GLU C 97 16.01 -22.28 -14.46
CA GLU C 97 16.13 -21.60 -15.74
C GLU C 97 15.40 -20.25 -15.68
N LYS C 98 15.73 -19.35 -16.60
CA LYS C 98 15.08 -18.06 -16.65
C LYS C 98 13.94 -18.14 -17.65
N PRO C 99 12.91 -17.27 -17.52
CA PRO C 99 12.82 -16.25 -16.46
C PRO C 99 12.85 -16.98 -15.13
N PHE C 100 13.71 -16.55 -14.23
CA PHE C 100 13.78 -17.23 -12.95
C PHE C 100 12.37 -17.55 -12.45
N THR C 101 11.59 -16.51 -12.24
CA THR C 101 10.23 -16.67 -11.78
C THR C 101 9.38 -15.61 -12.47
N LEU C 102 8.06 -15.67 -12.31
CA LEU C 102 7.19 -14.66 -12.94
C LEU C 102 6.49 -13.80 -11.93
N ASN C 103 7.08 -13.68 -10.74
CA ASN C 103 6.51 -12.93 -9.64
C ASN C 103 7.66 -12.76 -8.67
N ALA C 104 7.88 -11.53 -8.22
CA ALA C 104 9.00 -11.25 -7.32
C ALA C 104 8.96 -12.00 -5.99
N ALA C 105 7.83 -11.93 -5.31
CA ALA C 105 7.67 -12.62 -4.02
C ALA C 105 8.05 -14.09 -4.17
N GLU C 106 7.58 -14.72 -5.24
CA GLU C 106 7.89 -16.12 -5.45
C GLU C 106 9.40 -16.34 -5.51
N ALA C 107 10.12 -15.46 -6.20
CA ALA C 107 11.57 -15.58 -6.29
C ALA C 107 12.16 -15.38 -4.91
N GLU C 108 11.67 -14.38 -4.19
CA GLU C 108 12.21 -14.14 -2.87
C GLU C 108 12.04 -15.40 -2.03
N GLU C 109 10.82 -15.93 -2.02
CA GLU C 109 10.55 -17.13 -1.22
C GLU C 109 11.49 -18.29 -1.52
N LEU C 110 11.78 -18.51 -2.79
CA LEU C 110 12.69 -19.60 -3.19
C LEU C 110 13.99 -19.46 -2.42
N PHE C 111 14.52 -18.25 -2.35
CA PHE C 111 15.77 -18.04 -1.64
C PHE C 111 15.56 -18.21 -0.13
N ALA C 112 14.39 -17.81 0.33
CA ALA C 112 14.04 -17.97 1.74
C ALA C 112 14.11 -19.46 2.10
N ILE C 113 13.48 -20.31 1.29
CA ILE C 113 13.50 -21.74 1.57
C ILE C 113 14.86 -22.35 1.31
N ALA C 114 15.54 -21.90 0.26
CA ALA C 114 16.85 -22.44 -0.05
C ALA C 114 17.76 -22.15 1.12
N GLN C 115 17.71 -20.91 1.59
CA GLN C 115 18.50 -20.45 2.72
C GLN C 115 18.19 -21.25 3.98
N GLU C 116 16.90 -21.52 4.23
CA GLU C 116 16.53 -22.29 5.42
C GLU C 116 17.00 -23.74 5.28
N GLN C 117 16.94 -24.29 4.06
CA GLN C 117 17.38 -25.66 3.82
C GLN C 117 18.90 -25.70 3.65
N GLY C 118 19.58 -24.58 3.87
CA GLY C 118 21.01 -24.56 3.71
C GLY C 118 21.44 -25.21 2.41
N VAL C 119 20.77 -24.87 1.31
CA VAL C 119 21.09 -25.44 0.02
C VAL C 119 21.28 -24.37 -1.05
N PHE C 120 22.27 -24.59 -1.92
CA PHE C 120 22.62 -23.67 -3.01
C PHE C 120 21.47 -23.43 -3.99
N LEU C 121 21.43 -22.25 -4.59
CA LEU C 121 20.38 -21.92 -5.56
C LEU C 121 20.81 -20.76 -6.46
N GLU C 123 19.86 -18.78 -10.57
CA GLU C 123 19.15 -18.72 -11.81
C GLU C 123 20.16 -19.03 -12.92
N ALA C 124 19.82 -19.97 -13.77
CA ALA C 124 20.69 -20.33 -14.88
C ALA C 124 20.93 -19.02 -15.61
N GLN C 125 22.11 -18.90 -16.20
CA GLN C 125 22.51 -17.71 -16.91
C GLN C 125 23.79 -18.15 -17.61
N LYS C 126 23.82 -18.12 -18.93
CA LYS C 126 25.02 -18.58 -19.61
C LYS C 126 25.93 -17.43 -20.03
N SER C 127 25.31 -16.32 -20.40
CA SER C 127 26.04 -15.13 -20.85
C SER C 127 27.08 -14.63 -19.87
N VAL C 128 26.67 -14.40 -18.62
CA VAL C 128 27.59 -13.87 -17.61
C VAL C 128 28.84 -14.73 -17.39
N PHE C 129 28.81 -15.99 -17.78
CA PHE C 129 29.99 -16.80 -17.54
C PHE C 129 30.95 -17.00 -18.70
N LEU C 130 30.53 -16.65 -19.91
CA LEU C 130 31.42 -16.78 -21.05
C LEU C 130 32.77 -16.09 -20.79
N PRO C 131 33.86 -16.71 -21.25
CA PRO C 131 35.19 -16.12 -21.06
C PRO C 131 35.29 -14.75 -21.75
N ILE C 132 34.57 -14.60 -22.86
CA ILE C 132 34.55 -13.36 -23.61
C ILE C 132 33.98 -12.22 -22.76
N THR C 133 33.00 -12.55 -21.93
CA THR C 133 32.35 -11.57 -21.07
C THR C 133 33.25 -11.14 -19.91
N GLN C 134 34.16 -12.02 -19.50
CA GLN C 134 35.11 -11.67 -18.45
C GLN C 134 36.05 -10.62 -19.04
N LYS C 135 36.43 -10.83 -20.29
CA LYS C 135 37.33 -9.92 -20.98
C LYS C 135 36.69 -8.56 -21.05
N VAL C 136 35.41 -8.53 -21.37
CA VAL C 136 34.73 -7.24 -21.43
C VAL C 136 34.75 -6.61 -20.04
N LYS C 137 34.26 -7.32 -19.03
CA LYS C 137 34.26 -6.80 -17.67
C LYS C 137 35.62 -6.22 -17.25
N ALA C 138 36.68 -6.98 -17.52
CA ALA C 138 38.02 -6.57 -17.15
C ALA C 138 38.49 -5.30 -17.84
N THR C 139 38.23 -5.22 -19.14
CA THR C 139 38.64 -4.06 -19.91
C THR C 139 38.02 -2.76 -19.40
N ILE C 140 36.80 -2.84 -18.88
CA ILE C 140 36.13 -1.65 -18.35
C ILE C 140 36.64 -1.23 -16.96
N GLN C 141 36.78 -2.19 -16.05
CA GLN C 141 37.22 -1.88 -14.69
C GLN C 141 38.63 -1.26 -14.70
N GLU C 142 39.53 -1.86 -15.47
CA GLU C 142 40.89 -1.37 -15.55
C GLU C 142 40.99 -0.12 -16.43
N GLY C 143 39.84 0.41 -16.83
CA GLY C 143 39.80 1.62 -17.63
C GLY C 143 40.07 1.54 -19.11
N GLY C 144 40.12 0.33 -19.64
CA GLY C 144 40.37 0.17 -21.06
C GLY C 144 39.52 1.08 -21.93
N LEU C 145 38.30 1.37 -21.48
CA LEU C 145 37.42 2.23 -22.28
C LEU C 145 37.22 3.62 -21.70
N GLY C 146 37.75 3.87 -20.51
CA GLY C 146 37.56 5.17 -19.90
C GLY C 146 36.23 5.15 -19.19
N GLU C 147 35.60 6.30 -19.05
CA GLU C 147 34.31 6.40 -18.37
C GLU C 147 33.21 6.00 -19.34
N ILE C 148 32.40 5.02 -18.97
CA ILE C 148 31.33 4.56 -19.85
C ILE C 148 30.17 5.51 -19.73
N LEU C 149 29.64 5.96 -20.86
CA LEU C 149 28.51 6.87 -20.82
C LEU C 149 27.25 6.15 -21.30
N TRP C 150 27.40 5.36 -22.34
CA TRP C 150 26.25 4.69 -22.90
C TRP C 150 26.52 3.27 -23.32
N VAL C 151 25.56 2.39 -23.05
CA VAL C 151 25.63 1.00 -23.43
C VAL C 151 24.26 0.72 -24.07
N GLN C 152 24.20 -0.27 -24.93
CA GLN C 152 22.93 -0.61 -25.57
C GLN C 152 23.07 -2.02 -26.09
N SER C 153 21.94 -2.66 -26.37
CA SER C 153 21.98 -4.00 -26.92
C SER C 153 20.77 -4.13 -27.79
N VAL C 154 20.91 -4.87 -28.87
CA VAL C 154 19.79 -5.07 -29.75
C VAL C 154 19.61 -6.57 -29.90
N THR C 155 18.37 -7.02 -29.76
CA THR C 155 18.03 -8.43 -29.91
C THR C 155 16.78 -8.55 -30.77
N ALA C 156 16.81 -9.46 -31.75
CA ALA C 156 15.64 -9.64 -32.61
C ALA C 156 15.53 -11.07 -33.07
N TYR C 157 14.31 -11.57 -33.10
CA TYR C 157 14.04 -12.94 -33.57
C TYR C 157 12.97 -12.76 -34.61
N PRO C 158 13.26 -13.14 -35.86
CA PRO C 158 12.37 -13.05 -37.02
C PRO C 158 11.04 -13.71 -36.72
N ASN C 159 11.14 -14.91 -36.17
CA ASN C 159 9.97 -15.71 -35.83
C ASN C 159 9.87 -15.99 -34.37
N VAL C 160 8.66 -16.34 -33.97
CA VAL C 160 8.35 -16.68 -32.60
C VAL C 160 7.27 -17.73 -32.75
N ASP C 161 7.08 -18.15 -34.00
CA ASP C 161 6.08 -19.15 -34.33
C ASP C 161 6.63 -20.57 -34.18
N HIS C 162 7.53 -20.75 -33.21
CA HIS C 162 8.08 -22.07 -32.92
C HIS C 162 7.85 -22.20 -31.42
N ILE C 163 7.19 -21.19 -30.86
CA ILE C 163 6.82 -21.13 -29.45
C ILE C 163 5.36 -20.66 -29.44
N PRO C 164 4.43 -21.59 -29.21
CA PRO C 164 2.98 -21.34 -29.16
C PRO C 164 2.46 -20.45 -28.03
N TRP C 165 3.11 -20.51 -26.88
CA TRP C 165 2.66 -19.72 -25.75
C TRP C 165 3.16 -18.28 -25.70
N PHE C 166 4.04 -17.92 -26.62
CA PHE C 166 4.61 -16.57 -26.62
C PHE C 166 3.67 -15.39 -26.30
N TYR C 167 2.43 -15.42 -26.74
CA TYR C 167 1.54 -14.30 -26.45
C TYR C 167 0.60 -14.46 -25.25
N SER C 168 0.96 -15.36 -24.34
CA SER C 168 0.17 -15.60 -23.14
C SER C 168 0.87 -15.04 -21.90
N ARG C 169 0.28 -14.02 -21.29
CA ARG C 169 0.87 -13.40 -20.10
C ARG C 169 0.96 -14.39 -18.94
N GLU C 170 -0.07 -15.23 -18.83
CA GLU C 170 -0.12 -16.20 -17.76
C GLU C 170 1.05 -17.14 -17.87
N ALA C 171 1.39 -17.53 -19.09
CA ALA C 171 2.51 -18.43 -19.31
C ALA C 171 3.81 -17.64 -19.37
N GLY C 172 4.85 -18.29 -19.88
CA GLY C 172 6.13 -17.63 -20.01
C GLY C 172 6.00 -16.11 -20.07
N GLY C 173 5.58 -15.61 -21.23
CA GLY C 173 5.44 -14.17 -21.37
C GLY C 173 5.79 -13.78 -22.77
N GLY C 174 6.17 -12.52 -22.97
CA GLY C 174 6.52 -12.09 -24.31
C GLY C 174 7.98 -11.69 -24.51
N ALA C 175 8.18 -10.75 -25.42
CA ALA C 175 9.50 -10.25 -25.72
C ALA C 175 10.37 -10.05 -24.47
N LEU C 176 9.93 -9.19 -23.56
CA LEU C 176 10.67 -8.91 -22.33
C LEU C 176 10.88 -10.13 -21.41
N HIS C 177 9.86 -10.97 -21.25
CA HIS C 177 10.01 -12.16 -20.41
C HIS C 177 11.06 -13.06 -21.03
N GLY C 178 10.95 -13.24 -22.35
CA GLY C 178 11.84 -14.12 -23.10
C GLY C 178 13.29 -13.74 -23.29
N SER C 179 13.62 -12.46 -23.28
CA SER C 179 15.02 -12.12 -23.45
C SER C 179 15.44 -10.72 -22.95
N GLY C 180 14.83 -10.27 -21.86
CA GLY C 180 15.16 -8.97 -21.30
C GLY C 180 16.11 -9.12 -20.13
N SER C 181 15.92 -10.18 -19.35
CA SER C 181 16.76 -10.43 -18.20
C SER C 181 18.24 -10.59 -18.55
N TYR C 182 18.54 -11.21 -19.69
CA TYR C 182 19.92 -11.41 -20.11
C TYR C 182 20.66 -10.08 -20.31
N PRO C 183 20.18 -9.26 -21.25
CA PRO C 183 20.88 -8.00 -21.44
C PRO C 183 21.00 -7.12 -20.19
N LEU C 184 19.94 -6.97 -19.41
CA LEU C 184 20.07 -6.10 -18.25
C LEU C 184 20.84 -6.69 -17.07
N GLN C 185 21.10 -7.99 -17.07
CA GLN C 185 21.89 -8.58 -16.00
C GLN C 185 23.34 -8.50 -16.46
N TYR C 186 23.58 -8.83 -17.72
CA TYR C 186 24.91 -8.77 -18.31
C TYR C 186 25.48 -7.37 -18.12
N LEU C 187 24.71 -6.35 -18.49
CA LEU C 187 25.18 -4.98 -18.38
C LEU C 187 25.57 -4.59 -16.97
N GLN C 188 24.71 -4.85 -16.00
CA GLN C 188 25.05 -4.51 -14.63
C GLN C 188 26.32 -5.24 -14.25
N TYR C 189 26.55 -6.39 -14.88
CA TYR C 189 27.75 -7.16 -14.56
C TYR C 189 29.03 -6.70 -15.24
N VAL C 190 29.01 -6.46 -16.55
CA VAL C 190 30.26 -6.03 -17.17
C VAL C 190 30.61 -4.67 -16.60
N LEU C 191 29.61 -3.79 -16.49
CA LEU C 191 29.84 -2.50 -15.85
C LEU C 191 29.88 -2.98 -14.41
N GLY C 192 30.44 -2.22 -13.50
CA GLY C 192 30.44 -2.71 -12.13
C GLY C 192 29.26 -2.08 -11.40
N LYS C 193 28.52 -1.27 -12.14
CA LYS C 193 27.39 -0.53 -11.59
C LYS C 193 26.12 -1.32 -11.38
N GLU C 194 25.10 -0.63 -10.88
CA GLU C 194 23.81 -1.23 -10.61
C GLU C 194 22.76 -0.40 -11.32
N ILE C 195 21.77 -1.07 -11.89
CA ILE C 195 20.72 -0.34 -12.57
C ILE C 195 19.86 0.30 -11.46
N GLN C 196 19.56 1.58 -11.62
CA GLN C 196 18.78 2.28 -10.62
C GLN C 196 17.65 3.09 -11.21
N GLU C 197 17.41 2.91 -12.50
CA GLU C 197 16.34 3.63 -13.18
C GLU C 197 16.07 2.97 -14.53
N VAL C 198 14.81 2.64 -14.76
CA VAL C 198 14.45 2.02 -16.02
C VAL C 198 13.01 2.31 -16.41
N THR C 199 12.84 2.86 -17.61
CA THR C 199 11.51 3.14 -18.13
C THR C 199 11.52 2.57 -19.53
N GLY C 200 10.35 2.43 -20.15
CA GLY C 200 10.31 1.88 -21.50
C GLY C 200 9.00 1.94 -22.24
N THR C 201 9.02 1.55 -23.49
CA THR C 201 7.81 1.54 -24.31
C THR C 201 7.82 0.19 -25.03
N ALA C 202 6.63 -0.38 -25.25
CA ALA C 202 6.54 -1.66 -25.91
C ALA C 202 5.33 -1.76 -26.83
N THR C 203 5.38 -2.73 -27.75
CA THR C 203 4.28 -2.93 -28.68
C THR C 203 3.47 -4.14 -28.20
N TYR C 204 2.21 -3.91 -27.85
CA TYR C 204 1.37 -5.01 -27.40
C TYR C 204 -0.11 -4.77 -27.58
N GLN C 205 -0.82 -5.85 -27.86
CA GLN C 205 -2.27 -5.83 -28.05
C GLN C 205 -2.86 -6.25 -26.70
N GLN C 206 -4.13 -5.91 -26.48
CA GLN C 206 -4.79 -6.26 -25.23
C GLN C 206 -4.88 -7.76 -24.99
N GLY C 207 -4.57 -8.14 -23.77
CA GLY C 207 -4.56 -9.55 -23.40
C GLY C 207 -3.17 -10.10 -23.68
N ALA C 208 -2.76 -10.01 -24.94
CA ALA C 208 -1.46 -10.49 -25.41
C ALA C 208 -0.24 -9.79 -24.79
N THR C 209 0.90 -10.48 -24.83
CA THR C 209 2.18 -9.98 -24.31
C THR C 209 2.85 -9.06 -25.34
N ASP C 210 4.02 -8.52 -24.99
CA ASP C 210 4.73 -7.61 -25.89
C ASP C 210 5.42 -8.26 -27.10
N SER C 211 5.22 -7.66 -28.26
CA SER C 211 5.85 -8.13 -29.48
C SER C 211 7.21 -7.46 -29.60
N GLN C 212 7.25 -6.17 -29.30
CA GLN C 212 8.50 -5.38 -29.31
C GLN C 212 8.65 -4.79 -27.92
N CYS C 213 9.85 -4.35 -27.61
CA CYS C 213 10.09 -3.79 -26.31
C CYS C 213 11.35 -2.90 -26.32
N ASN C 214 11.18 -1.66 -25.86
CA ASN C 214 12.28 -0.71 -25.81
C ASN C 214 12.49 -0.03 -24.46
N LEU C 215 13.58 -0.38 -23.79
CA LEU C 215 13.93 0.18 -22.49
C LEU C 215 14.97 1.29 -22.50
N ALA C 216 14.72 2.27 -21.64
CA ALA C 216 15.63 3.38 -21.46
C ALA C 216 16.12 3.17 -20.03
N LEU C 217 17.41 3.36 -19.79
CA LEU C 217 17.89 3.15 -18.42
C LEU C 217 19.00 4.03 -17.90
N LYS C 218 19.35 3.77 -16.65
CA LYS C 218 20.36 4.56 -15.96
C LYS C 218 21.01 3.74 -14.87
N PHE C 219 22.34 3.80 -14.82
CA PHE C 219 23.10 3.09 -13.80
C PHE C 219 23.68 4.18 -12.90
N ALA C 220 24.50 3.79 -11.92
CA ALA C 220 25.14 4.79 -11.09
C ALA C 220 26.35 5.29 -11.90
N GLU C 221 26.93 6.42 -11.49
CA GLU C 221 28.11 6.97 -12.18
C GLU C 221 27.85 7.59 -13.56
N GLY C 222 26.60 7.95 -13.85
CA GLY C 222 26.33 8.58 -15.12
C GLY C 222 26.43 7.77 -16.40
N THR C 223 25.91 6.54 -16.39
CA THR C 223 25.92 5.74 -17.59
C THR C 223 24.46 5.46 -17.96
N LEU C 224 24.01 6.03 -19.07
CA LEU C 224 22.64 5.80 -19.53
C LEU C 224 22.68 4.58 -20.42
N GLY C 225 21.52 4.02 -20.73
CA GLY C 225 21.51 2.84 -21.58
C GLY C 225 20.23 2.62 -22.37
N ASN C 226 20.29 1.70 -23.31
CA ASN C 226 19.14 1.38 -24.12
C ASN C 226 19.08 -0.12 -24.43
N ILE C 227 17.91 -0.71 -24.25
CA ILE C 227 17.77 -2.12 -24.57
C ILE C 227 16.64 -2.27 -25.56
N PHE C 228 16.88 -3.00 -26.64
CA PHE C 228 15.85 -3.21 -27.63
C PHE C 228 15.68 -4.70 -27.88
N ILE C 229 14.47 -5.17 -27.66
CA ILE C 229 14.14 -6.58 -27.85
C ILE C 229 12.94 -6.59 -28.78
N ASN C 230 12.97 -7.43 -29.81
CA ASN C 230 11.85 -7.46 -30.73
C ASN C 230 11.62 -8.74 -31.52
N VAL C 231 10.43 -8.82 -32.12
CA VAL C 231 10.02 -9.95 -32.95
C VAL C 231 9.48 -9.38 -34.27
N GLY C 232 10.12 -9.77 -35.38
CA GLY C 232 9.68 -9.27 -36.67
C GLY C 232 10.81 -8.76 -37.52
N LEU C 233 11.81 -8.15 -36.91
CA LEU C 233 12.93 -7.63 -37.66
C LEU C 233 13.90 -8.77 -37.96
N LYS C 234 14.79 -8.53 -38.91
CA LYS C 234 15.77 -9.53 -39.31
C LYS C 234 17.17 -9.08 -38.94
N ILE C 235 17.29 -7.85 -38.43
CA ILE C 235 18.58 -7.29 -38.03
C ILE C 235 19.38 -8.19 -37.10
N PRO C 236 20.68 -7.92 -36.96
CA PRO C 236 21.57 -8.72 -36.09
C PRO C 236 21.49 -8.28 -34.63
N SER C 237 21.95 -9.14 -33.74
CA SER C 237 21.96 -8.83 -32.31
C SER C 237 23.33 -8.29 -31.91
N GLU C 238 23.36 -7.08 -31.38
CA GLU C 238 24.61 -6.49 -30.96
C GLU C 238 24.45 -5.68 -29.67
N THR C 240 26.59 -2.81 -27.50
CA THR C 240 27.71 -1.88 -27.58
C THR C 240 27.97 -1.10 -26.30
N ILE C 241 29.24 -1.01 -25.94
CA ILE C 241 29.63 -0.28 -24.75
C ILE C 241 30.42 0.96 -25.20
N CYS C 242 29.82 2.15 -25.02
CA CYS C 242 30.46 3.41 -25.42
C CYS C 242 31.09 4.25 -24.32
N GLY C 243 32.42 4.16 -24.21
CA GLY C 243 33.16 4.93 -23.24
C GLY C 243 33.80 6.13 -23.90
N THR C 244 34.43 7.00 -23.11
CA THR C 244 35.07 8.18 -23.64
C THR C 244 36.35 7.90 -24.42
N LYS C 245 36.97 6.75 -24.16
CA LYS C 245 38.22 6.42 -24.83
C LYS C 245 38.14 5.19 -25.73
N GLY C 246 36.94 4.82 -26.13
CA GLY C 246 36.80 3.65 -26.98
C GLY C 246 35.49 2.92 -26.73
N GLN C 247 35.30 1.81 -27.43
CA GLN C 247 34.09 1.03 -27.28
C GLN C 247 34.30 -0.42 -27.61
N ILE C 248 33.33 -1.24 -27.24
CA ILE C 248 33.40 -2.67 -27.50
C ILE C 248 32.11 -3.04 -28.18
N VAL C 249 32.16 -3.97 -29.12
CA VAL C 249 30.92 -4.38 -29.76
C VAL C 249 30.81 -5.87 -29.61
N ILE C 250 29.74 -6.32 -28.96
CA ILE C 250 29.56 -7.76 -28.77
C ILE C 250 28.43 -8.33 -29.57
N PRO C 251 28.74 -9.32 -30.43
CA PRO C 251 27.72 -9.97 -31.26
C PRO C 251 27.08 -11.09 -30.46
N ASN C 252 25.76 -11.22 -30.57
CA ASN C 252 25.05 -12.29 -29.88
C ASN C 252 25.69 -12.55 -28.52
N PHE C 253 25.82 -11.51 -27.70
CA PHE C 253 26.49 -11.64 -26.41
C PHE C 253 26.16 -12.89 -25.61
N TRP C 254 24.99 -13.48 -25.79
CA TRP C 254 24.66 -14.64 -24.99
C TRP C 254 25.34 -15.94 -25.40
N LYS C 255 25.99 -15.96 -26.56
CA LYS C 255 26.67 -17.19 -26.97
C LYS C 255 27.84 -16.89 -27.89
N THR C 256 28.39 -15.71 -27.77
CA THR C 256 29.50 -15.35 -28.65
C THR C 256 30.86 -15.83 -28.23
N ASP C 257 31.73 -15.97 -29.23
CA ASP C 257 33.12 -16.41 -29.03
C ASP C 257 34.05 -15.25 -29.37
N CYS C 258 33.44 -14.13 -29.77
CA CYS C 258 34.20 -12.96 -30.15
C CYS C 258 33.56 -11.62 -29.77
N ALA C 259 34.40 -10.60 -29.69
CA ALA C 259 33.98 -9.24 -29.35
C ALA C 259 34.91 -8.29 -30.10
N TYR C 260 34.42 -7.11 -30.44
CA TYR C 260 35.21 -6.16 -31.18
C TYR C 260 35.49 -4.89 -30.39
N TYR C 261 36.75 -4.75 -30.02
CA TYR C 261 37.25 -3.64 -29.24
C TYR C 261 37.88 -2.55 -30.12
N THR C 262 37.47 -1.30 -29.90
CA THR C 262 38.05 -0.15 -30.62
C THR C 262 38.58 0.72 -29.50
N ASP C 263 39.90 0.85 -29.45
CA ASP C 263 40.57 1.61 -28.41
C ASP C 263 40.62 3.09 -28.69
N ALA C 264 41.28 3.80 -27.78
CA ALA C 264 41.44 5.25 -27.85
C ALA C 264 42.09 5.76 -29.13
N GLN C 265 43.30 5.27 -29.41
CA GLN C 265 44.06 5.68 -30.59
C GLN C 265 43.18 5.71 -31.86
N GLY C 266 42.28 4.75 -31.97
CA GLY C 266 41.41 4.73 -33.13
C GLY C 266 41.26 3.38 -33.80
N ASN C 267 42.21 2.48 -33.59
CA ASN C 267 42.15 1.16 -34.21
C ASN C 267 41.31 0.20 -33.41
N THR C 268 40.76 -0.79 -34.11
CA THR C 268 39.92 -1.78 -33.46
C THR C 268 40.42 -3.20 -33.69
N VAL C 269 40.42 -4.02 -32.65
CA VAL C 269 40.86 -5.40 -32.78
C VAL C 269 39.68 -6.33 -32.54
N LYS C 270 39.96 -7.63 -32.58
CA LYS C 270 38.93 -8.62 -32.39
C LYS C 270 39.24 -9.63 -31.31
N TRP C 271 38.58 -9.53 -30.16
CA TRP C 271 38.83 -10.51 -29.11
C TRP C 271 38.27 -11.84 -29.56
N SER C 272 38.98 -12.90 -29.21
CA SER C 272 38.54 -14.21 -29.61
C SER C 272 38.97 -15.29 -28.67
N GLU C 273 38.08 -16.26 -28.51
CA GLU C 273 38.33 -17.42 -27.70
C GLU C 273 37.41 -18.41 -28.35
N GLN C 274 37.80 -19.67 -28.37
CA GLN C 274 36.95 -20.65 -29.02
C GLN C 274 36.34 -21.45 -27.93
N PHE C 275 35.12 -21.89 -28.11
CA PHE C 275 34.61 -22.71 -27.06
C PHE C 275 33.98 -24.00 -27.40
N THR C 276 33.98 -24.79 -26.35
CA THR C 276 33.45 -26.11 -26.26
C THR C 276 31.98 -26.02 -26.65
N SER C 277 31.20 -25.46 -25.72
CA SER C 277 29.78 -25.22 -25.87
C SER C 277 29.50 -24.21 -24.76
N GLU C 278 28.45 -23.42 -24.94
CA GLU C 278 28.09 -22.39 -23.96
C GLU C 278 27.86 -22.84 -22.52
N PHE C 279 26.95 -23.79 -22.34
CA PHE C 279 26.59 -24.31 -21.02
C PHE C 279 27.72 -24.65 -20.04
N THR C 280 28.85 -25.13 -20.56
CA THR C 280 29.97 -25.54 -19.73
C THR C 280 30.48 -24.46 -18.76
N TYR C 281 30.65 -23.24 -19.27
CA TYR C 281 31.13 -22.15 -18.45
C TYR C 281 30.17 -21.83 -17.33
N GLU C 282 28.92 -22.24 -17.48
CA GLU C 282 27.91 -21.98 -16.47
C GLU C 282 27.94 -23.10 -15.44
N ILE C 283 28.02 -24.33 -15.93
CA ILE C 283 28.03 -25.51 -15.08
C ILE C 283 29.24 -25.67 -14.15
N ASN C 284 30.46 -25.67 -14.69
CA ASN C 284 31.58 -25.87 -13.79
C ASN C 284 31.82 -24.67 -12.88
N HIS C 285 31.07 -23.60 -13.09
CA HIS C 285 31.15 -22.43 -12.22
C HIS C 285 30.28 -22.82 -11.02
N VAL C 286 29.07 -23.28 -11.33
CA VAL C 286 28.15 -23.71 -10.30
C VAL C 286 28.82 -24.84 -9.51
N ASN C 287 29.44 -25.77 -10.22
CA ASN C 287 30.14 -26.89 -9.57
C ASN C 287 31.17 -26.33 -8.61
N GLN C 288 31.95 -25.36 -9.08
CA GLN C 288 32.97 -24.73 -8.27
C GLN C 288 32.34 -24.14 -7.01
N CYS C 289 31.14 -23.59 -7.13
CA CYS C 289 30.45 -23.03 -5.97
C CYS C 289 30.04 -24.15 -5.01
N LEU C 290 29.60 -25.27 -5.58
CA LEU C 290 29.20 -26.41 -4.76
C LEU C 290 30.45 -26.98 -4.10
N GLN C 291 31.58 -26.91 -4.80
CA GLN C 291 32.84 -27.43 -4.27
C GLN C 291 33.29 -26.59 -3.08
N ASP C 292 33.08 -25.28 -3.17
CA ASP C 292 33.47 -24.38 -2.10
C ASP C 292 32.36 -24.23 -1.06
N LYS C 293 31.43 -25.18 -1.08
CA LYS C 293 30.31 -25.24 -0.15
C LYS C 293 29.52 -23.95 0.06
N LYS C 294 29.31 -23.13 -0.98
CA LYS C 294 28.55 -21.89 -0.80
C LYS C 294 27.07 -22.00 -1.21
N LEU C 295 26.24 -21.13 -0.66
CA LEU C 295 24.80 -21.18 -0.95
C LEU C 295 24.30 -20.28 -2.07
N THR C 296 25.20 -19.46 -2.61
CA THR C 296 24.82 -18.57 -3.68
C THR C 296 26.04 -18.24 -4.55
N SER C 297 25.79 -17.68 -5.73
CA SER C 297 26.87 -17.33 -6.65
C SER C 297 27.28 -15.88 -6.52
N PRO C 298 28.58 -15.60 -6.59
CA PRO C 298 29.08 -14.24 -6.49
C PRO C 298 28.73 -13.41 -7.70
N VAL C 299 28.31 -14.07 -8.78
CA VAL C 299 27.96 -13.35 -10.01
C VAL C 299 26.45 -13.20 -10.15
N THR C 301 23.91 -13.26 -8.24
CA THR C 301 23.51 -13.20 -6.85
C THR C 301 22.01 -13.16 -6.63
N LYS C 302 21.62 -13.47 -5.40
CA LYS C 302 20.21 -13.46 -5.00
C LYS C 302 19.62 -12.11 -5.31
N GLU C 303 20.37 -11.09 -4.91
CA GLU C 303 19.97 -9.70 -5.12
C GLU C 303 19.65 -9.43 -6.58
N LEU C 304 20.66 -9.62 -7.41
CA LEU C 304 20.54 -9.40 -8.85
C LEU C 304 19.35 -10.12 -9.47
N THR C 305 19.20 -11.41 -9.18
CA THR C 305 18.08 -12.19 -9.70
C THR C 305 16.72 -11.67 -9.19
N ILE C 306 16.65 -11.31 -7.91
CA ILE C 306 15.40 -10.80 -7.39
C ILE C 306 15.13 -9.43 -8.01
N ALA C 307 16.17 -8.62 -8.18
CA ALA C 307 15.96 -7.30 -8.76
C ALA C 307 15.45 -7.36 -10.20
N THR C 308 16.04 -8.25 -11.00
CA THR C 308 15.65 -8.39 -12.39
C THR C 308 14.18 -8.75 -12.54
N VAL C 309 13.71 -9.67 -11.70
CA VAL C 309 12.32 -10.10 -11.75
C VAL C 309 11.40 -8.93 -11.40
N LYS C 310 11.77 -8.17 -10.37
CA LYS C 310 10.98 -7.02 -9.96
C LYS C 310 10.76 -6.02 -11.10
N ILE C 311 11.83 -5.72 -11.84
CA ILE C 311 11.76 -4.79 -12.95
C ILE C 311 10.94 -5.36 -14.09
N VAL C 312 11.26 -6.58 -14.49
CA VAL C 312 10.54 -7.21 -15.59
C VAL C 312 9.04 -7.20 -15.33
N GLU C 313 8.62 -7.86 -14.27
CA GLU C 313 7.19 -7.92 -13.95
C GLU C 313 6.56 -6.54 -13.76
N SER C 314 7.32 -5.56 -13.30
CA SER C 314 6.74 -4.23 -13.12
C SER C 314 6.16 -3.72 -14.45
N PHE C 315 6.83 -4.02 -15.56
CA PHE C 315 6.36 -3.60 -16.89
C PHE C 315 5.12 -4.35 -17.33
N TYR C 316 5.00 -5.61 -16.94
CA TYR C 316 3.82 -6.36 -17.33
C TYR C 316 2.63 -5.86 -16.51
N GLN C 317 2.89 -5.44 -15.28
CA GLN C 317 1.86 -4.91 -14.40
C GLN C 317 1.41 -3.60 -14.99
N GLU C 318 2.38 -2.81 -15.45
CA GLU C 318 2.10 -1.51 -16.02
C GLU C 318 1.31 -1.64 -17.31
N TRP C 319 1.72 -2.57 -18.18
CA TRP C 319 1.04 -2.75 -19.44
C TRP C 319 -0.34 -3.40 -19.31
N PHE C 320 -0.34 -4.67 -18.90
CA PHE C 320 -1.59 -5.41 -18.80
C PHE C 320 -2.52 -5.01 -17.67
N ASP C 321 -2.10 -5.28 -16.44
CA ASP C 321 -2.91 -4.95 -15.27
C ASP C 321 -3.28 -3.47 -15.19
N ASP D 4 -30.43 36.00 -32.06
CA ASP D 4 -29.32 36.99 -31.81
C ASP D 4 -29.17 37.24 -30.32
N LYS D 5 -28.15 38.02 -29.96
CA LYS D 5 -27.89 38.47 -28.58
C LYS D 5 -27.10 37.72 -27.48
N ILE D 6 -27.79 37.77 -26.35
CA ILE D 6 -27.50 37.23 -25.02
C ILE D 6 -26.24 37.66 -24.32
N ARG D 7 -26.38 38.80 -23.67
CA ARG D 7 -25.32 39.43 -22.90
C ARG D 7 -25.42 39.01 -21.44
N TYR D 8 -24.29 38.59 -20.89
CA TYR D 8 -24.19 38.12 -19.52
C TYR D 8 -23.53 39.11 -18.58
N GLY D 9 -24.10 39.24 -17.38
CA GLY D 9 -23.53 40.13 -16.38
C GLY D 9 -22.91 39.23 -15.33
N ILE D 10 -21.77 39.62 -14.77
CA ILE D 10 -21.13 38.80 -13.75
C ILE D 10 -21.16 39.57 -12.42
N SER D 12 -19.24 39.30 -9.78
CA SER D 12 -18.04 39.27 -8.96
C SER D 12 -16.76 39.19 -9.77
N THR D 13 -15.67 38.97 -9.08
CA THR D 13 -14.38 38.83 -9.73
C THR D 13 -13.83 37.47 -9.33
N ALA D 14 -14.74 36.58 -8.93
CA ALA D 14 -14.37 35.23 -8.53
C ALA D 14 -13.36 34.67 -9.52
N GLN D 15 -12.27 34.10 -9.00
CA GLN D 15 -11.23 33.55 -9.86
C GLN D 15 -11.78 32.69 -10.99
N ILE D 16 -13.02 32.22 -10.85
CA ILE D 16 -13.64 31.38 -11.87
C ILE D 16 -14.16 32.19 -13.07
N VAL D 17 -14.46 33.46 -12.83
CA VAL D 17 -14.98 34.37 -13.85
C VAL D 17 -14.38 34.24 -15.25
N PRO D 18 -13.04 34.33 -15.37
CA PRO D 18 -12.44 34.23 -16.71
C PRO D 18 -12.81 32.95 -17.48
N ARG D 19 -12.45 31.80 -16.93
CA ARG D 19 -12.73 30.52 -17.59
C ARG D 19 -14.16 30.48 -18.11
N PHE D 20 -15.06 31.11 -17.36
CA PHE D 20 -16.47 31.17 -17.71
C PHE D 20 -16.66 32.13 -18.87
N VAL D 21 -15.95 33.26 -18.81
CA VAL D 21 -16.01 34.25 -19.87
C VAL D 21 -15.48 33.62 -21.15
N ALA D 22 -14.42 32.84 -21.00
CA ALA D 22 -13.84 32.15 -22.14
C ALA D 22 -14.96 31.26 -22.67
N GLY D 23 -15.73 30.71 -21.73
CA GLY D 23 -16.84 29.84 -22.08
C GLY D 23 -17.91 30.50 -22.93
N LEU D 24 -18.31 31.71 -22.55
CA LEU D 24 -19.33 32.43 -23.32
C LEU D 24 -18.88 32.68 -24.74
N ARG D 25 -17.60 32.98 -24.89
CA ARG D 25 -17.01 33.26 -26.19
C ARG D 25 -17.09 32.03 -27.08
N GLU D 26 -16.80 30.86 -26.51
CA GLU D 26 -16.86 29.61 -27.26
C GLU D 26 -18.31 29.18 -27.42
N SER D 27 -19.21 29.87 -26.73
CA SER D 27 -20.65 29.58 -26.77
C SER D 27 -21.25 29.85 -28.15
N ALA D 28 -22.52 29.52 -28.31
CA ALA D 28 -23.22 29.69 -29.59
C ALA D 28 -23.66 31.12 -29.87
N GLN D 29 -24.58 31.62 -29.05
CA GLN D 29 -25.06 32.98 -29.22
C GLN D 29 -25.12 33.68 -27.87
N ALA D 30 -23.94 34.09 -27.40
CA ALA D 30 -23.84 34.77 -26.12
C ALA D 30 -22.53 35.52 -26.00
N GLU D 31 -22.58 36.66 -25.33
CA GLU D 31 -21.40 37.50 -25.11
C GLU D 31 -21.50 38.08 -23.72
N VAL D 32 -20.35 38.36 -23.10
CA VAL D 32 -20.37 38.90 -21.75
C VAL D 32 -20.38 40.42 -21.71
N ARG D 33 -21.44 40.98 -21.14
CA ARG D 33 -21.57 42.42 -21.02
C ARG D 33 -21.85 42.85 -19.58
N GLY D 34 -20.92 43.60 -19.00
CA GLY D 34 -21.12 44.05 -17.64
C GLY D 34 -20.58 43.13 -16.57
N ILE D 35 -19.91 43.73 -15.60
CA ILE D 35 -19.29 43.05 -14.49
C ILE D 35 -19.34 44.00 -13.29
N ALA D 36 -19.76 43.48 -12.14
CA ALA D 36 -19.88 44.31 -10.94
C ALA D 36 -19.04 43.88 -9.74
N SER D 37 -19.01 44.75 -8.74
CA SER D 37 -18.27 44.54 -7.51
C SER D 37 -18.97 45.30 -6.39
N ARG D 38 -18.19 45.79 -5.44
CA ARG D 38 -18.64 46.61 -4.33
C ARG D 38 -17.54 47.64 -4.35
N ARG D 39 -16.46 47.18 -4.96
CA ARG D 39 -15.23 47.90 -5.20
C ARG D 39 -15.10 47.85 -6.71
N LEU D 40 -15.25 48.99 -7.37
CA LEU D 40 -15.17 49.05 -8.83
C LEU D 40 -13.79 48.66 -9.40
N GLU D 41 -12.74 49.34 -8.93
CA GLU D 41 -11.38 49.10 -9.39
C GLU D 41 -11.08 47.61 -9.44
N ASN D 42 -11.68 46.88 -8.50
CA ASN D 42 -11.50 45.44 -8.45
C ASN D 42 -12.10 44.86 -9.72
N ALA D 43 -13.34 45.25 -9.99
CA ALA D 43 -14.07 44.79 -11.16
C ALA D 43 -13.35 45.21 -12.43
N GLN D 44 -13.10 46.51 -12.59
CA GLN D 44 -12.43 47.01 -13.79
C GLN D 44 -11.16 46.20 -14.07
N LYS D 45 -10.28 46.12 -13.10
CA LYS D 45 -9.02 45.37 -13.26
C LYS D 45 -9.21 44.06 -14.01
N ALA D 47 -12.21 43.39 -15.57
CA ALA D 47 -13.03 43.76 -16.70
C ALA D 47 -12.11 44.02 -17.88
N LYS D 48 -10.92 44.56 -17.58
CA LYS D 48 -9.94 44.85 -18.63
C LYS D 48 -9.02 43.65 -18.85
N GLU D 49 -8.73 42.89 -17.79
CA GLU D 49 -7.90 41.71 -17.94
C GLU D 49 -8.59 40.87 -18.99
N LEU D 50 -9.92 40.83 -18.88
CA LEU D 50 -10.76 40.12 -19.82
C LEU D 50 -11.26 41.20 -20.76
N ALA D 51 -12.18 40.86 -21.64
CA ALA D 51 -12.68 41.86 -22.58
C ALA D 51 -14.07 42.35 -22.28
N ILE D 52 -14.44 42.44 -21.01
CA ILE D 52 -15.77 42.91 -20.64
C ILE D 52 -15.76 44.44 -20.72
N PRO D 53 -16.79 45.02 -21.35
CA PRO D 53 -16.96 46.46 -21.55
C PRO D 53 -17.72 47.40 -20.58
N VAL D 54 -18.47 46.87 -19.63
CA VAL D 54 -19.18 47.75 -18.69
C VAL D 54 -18.63 47.46 -17.30
N ALA D 55 -19.00 48.25 -16.29
CA ALA D 55 -18.47 48.00 -14.94
C ALA D 55 -19.32 48.65 -13.85
N TYR D 56 -19.51 47.93 -12.74
CA TYR D 56 -20.33 48.43 -11.64
C TYR D 56 -19.78 48.18 -10.25
N GLY D 57 -19.69 49.24 -9.46
CA GLY D 57 -19.18 49.11 -8.12
C GLY D 57 -20.25 48.62 -7.16
N SER D 58 -21.31 48.05 -7.73
CA SER D 58 -22.41 47.54 -6.92
C SER D 58 -23.21 46.50 -7.70
N TYR D 59 -23.85 45.58 -6.99
CA TYR D 59 -24.64 44.56 -7.66
C TYR D 59 -25.97 45.19 -8.07
N GLU D 60 -26.50 46.07 -7.21
CA GLU D 60 -27.76 46.76 -7.46
C GLU D 60 -27.68 47.39 -8.84
N GLU D 61 -26.53 47.97 -9.13
CA GLU D 61 -26.28 48.61 -10.42
C GLU D 61 -26.43 47.58 -11.53
N LEU D 62 -25.60 46.54 -11.45
CA LEU D 62 -25.56 45.48 -12.45
C LEU D 62 -26.96 44.99 -12.75
N CYS D 63 -27.84 45.14 -11.77
CA CYS D 63 -29.23 44.72 -11.95
C CYS D 63 -30.10 45.77 -12.63
N LYS D 64 -30.07 46.99 -12.10
CA LYS D 64 -30.87 48.07 -12.69
C LYS D 64 -30.60 48.21 -14.19
N ASP D 65 -29.37 47.89 -14.60
CA ASP D 65 -28.97 47.99 -16.00
C ASP D 65 -29.82 47.08 -16.91
N GLU D 66 -30.02 47.49 -18.15
CA GLU D 66 -30.81 46.71 -19.09
C GLU D 66 -29.98 46.16 -20.24
N THR D 67 -28.72 46.56 -20.29
CA THR D 67 -27.82 46.11 -21.32
C THR D 67 -27.30 44.72 -20.91
N ILE D 68 -27.89 44.19 -19.84
CA ILE D 68 -27.55 42.89 -19.27
C ILE D 68 -28.85 42.06 -19.26
N ASP D 69 -28.82 40.85 -19.81
CA ASP D 69 -30.05 40.02 -19.84
C ASP D 69 -30.12 39.00 -18.72
N ILE D 70 -29.03 38.27 -18.50
CA ILE D 70 -29.01 37.27 -17.44
C ILE D 70 -27.72 37.42 -16.63
N ILE D 71 -27.80 37.10 -15.35
CA ILE D 71 -26.65 37.23 -14.46
C ILE D 71 -26.16 35.90 -13.87
N TYR D 72 -24.83 35.81 -13.74
CA TYR D 72 -24.17 34.63 -13.23
C TYR D 72 -23.59 34.99 -11.85
N ILE D 73 -23.99 34.25 -10.82
CA ILE D 73 -23.53 34.54 -9.48
C ILE D 73 -22.53 33.54 -8.91
N PRO D 74 -21.24 33.72 -9.23
CA PRO D 74 -20.20 32.82 -8.74
C PRO D 74 -19.51 33.41 -7.50
N THR D 75 -20.30 33.95 -6.57
CA THR D 75 -19.75 34.50 -5.36
C THR D 75 -19.61 33.45 -4.26
N TYR D 76 -19.08 33.87 -3.12
CA TYR D 76 -18.89 32.95 -2.01
C TYR D 76 -20.23 32.52 -1.44
N ASN D 77 -20.26 31.26 -1.07
CA ASN D 77 -21.43 30.53 -0.54
C ASN D 77 -22.52 31.13 0.32
N GLN D 78 -22.19 31.69 1.47
CA GLN D 78 -23.21 32.29 2.32
C GLN D 78 -23.77 33.58 1.75
N GLY D 79 -23.28 33.95 0.57
CA GLY D 79 -23.71 35.15 -0.10
C GLY D 79 -24.47 34.88 -1.37
N HIS D 80 -24.71 33.62 -1.67
CA HIS D 80 -25.49 33.32 -2.87
C HIS D 80 -26.88 33.94 -2.70
N TYR D 81 -27.62 33.36 -1.78
CA TYR D 81 -28.98 33.78 -1.45
C TYR D 81 -29.28 35.29 -1.55
N SER D 82 -28.51 36.12 -0.83
CA SER D 82 -28.73 37.56 -0.88
C SER D 82 -28.42 38.01 -2.30
N ALA D 83 -27.22 37.67 -2.78
CA ALA D 83 -26.80 38.03 -4.12
C ALA D 83 -27.87 37.70 -5.17
N ALA D 84 -28.33 36.46 -5.19
CA ALA D 84 -29.33 36.02 -6.15
C ALA D 84 -30.72 36.60 -5.88
N LYS D 85 -30.98 36.99 -4.63
CA LYS D 85 -32.27 37.55 -4.28
C LYS D 85 -32.35 39.00 -4.73
N LEU D 86 -31.18 39.62 -4.88
CA LEU D 86 -31.09 41.01 -5.32
C LEU D 86 -31.28 41.11 -6.84
N ALA D 87 -31.29 39.98 -7.52
CA ALA D 87 -31.48 39.96 -8.96
C ALA D 87 -32.90 39.54 -9.30
N LEU D 88 -33.30 38.38 -8.81
CA LEU D 88 -34.63 37.85 -9.07
C LEU D 88 -35.73 38.84 -8.74
N SER D 89 -35.59 39.52 -7.61
CA SER D 89 -36.57 40.52 -7.18
C SER D 89 -36.54 41.68 -8.17
N GLN D 90 -35.34 42.02 -8.64
CA GLN D 90 -35.18 43.12 -9.59
C GLN D 90 -35.59 42.76 -11.03
N GLY D 91 -36.01 41.52 -11.24
CA GLY D 91 -36.44 41.10 -12.56
C GLY D 91 -35.53 40.21 -13.39
N LYS D 92 -34.23 40.51 -13.40
CA LYS D 92 -33.24 39.74 -14.18
C LYS D 92 -33.05 38.26 -13.79
N PRO D 93 -32.89 37.37 -14.80
CA PRO D 93 -32.69 35.92 -14.66
C PRO D 93 -31.34 35.51 -14.03
N VAL D 94 -31.35 34.40 -13.30
CA VAL D 94 -30.15 33.95 -12.60
C VAL D 94 -29.62 32.53 -12.87
N LEU D 95 -28.29 32.46 -12.89
CA LEU D 95 -27.53 31.23 -13.08
C LEU D 95 -26.67 31.14 -11.81
N LEU D 96 -27.26 30.64 -10.74
CA LEU D 96 -26.58 30.53 -9.44
C LEU D 96 -25.67 29.31 -9.36
N GLU D 97 -24.57 29.44 -8.62
CA GLU D 97 -23.64 28.32 -8.52
C GLU D 97 -23.83 27.38 -7.33
N LYS D 98 -22.91 26.44 -7.23
CA LYS D 98 -22.90 25.42 -6.19
C LYS D 98 -21.93 25.78 -5.05
N PRO D 99 -22.36 25.63 -3.80
CA PRO D 99 -23.69 25.15 -3.40
C PRO D 99 -24.74 26.17 -3.83
N PHE D 100 -25.86 25.70 -4.34
CA PHE D 100 -26.93 26.60 -4.75
C PHE D 100 -27.25 27.40 -3.48
N THR D 101 -27.44 26.67 -2.39
CA THR D 101 -27.76 27.27 -1.10
C THR D 101 -27.25 26.38 0.04
N LEU D 102 -27.05 26.98 1.21
CA LEU D 102 -26.60 26.24 2.39
C LEU D 102 -27.76 26.22 3.35
N ASN D 103 -28.96 26.25 2.79
CA ASN D 103 -30.19 26.27 3.58
C ASN D 103 -31.36 25.96 2.64
N ALA D 104 -32.06 24.87 2.91
CA ALA D 104 -33.18 24.47 2.06
C ALA D 104 -34.22 25.55 1.86
N ALA D 105 -34.65 26.19 2.94
CA ALA D 105 -35.66 27.24 2.86
C ALA D 105 -35.19 28.31 1.90
N GLU D 106 -33.99 28.83 2.15
CA GLU D 106 -33.43 29.86 1.30
C GLU D 106 -33.50 29.43 -0.16
N ALA D 107 -33.30 28.14 -0.40
CA ALA D 107 -33.33 27.60 -1.77
C ALA D 107 -34.70 27.76 -2.43
N GLU D 108 -35.75 27.31 -1.75
CA GLU D 108 -37.10 27.37 -2.29
C GLU D 108 -37.55 28.81 -2.56
N GLU D 109 -37.45 29.65 -1.54
CA GLU D 109 -37.84 31.06 -1.69
C GLU D 109 -37.26 31.54 -3.02
N LEU D 110 -35.94 31.45 -3.12
CA LEU D 110 -35.23 31.85 -4.33
C LEU D 110 -36.05 31.49 -5.57
N PHE D 111 -36.43 30.22 -5.70
CA PHE D 111 -37.21 29.78 -6.85
C PHE D 111 -38.57 30.46 -6.96
N ALA D 112 -39.28 30.53 -5.84
CA ALA D 112 -40.61 31.15 -5.78
C ALA D 112 -40.63 32.59 -6.29
N ILE D 113 -39.91 33.47 -5.61
CA ILE D 113 -39.89 34.85 -6.04
C ILE D 113 -39.39 34.95 -7.48
N ALA D 114 -38.60 33.97 -7.91
CA ALA D 114 -38.07 33.97 -9.26
C ALA D 114 -39.21 33.70 -10.24
N GLN D 115 -40.15 32.87 -9.79
CA GLN D 115 -41.31 32.52 -10.61
C GLN D 115 -42.28 33.69 -10.65
N GLU D 116 -42.64 34.22 -9.50
CA GLU D 116 -43.58 35.33 -9.49
C GLU D 116 -43.11 36.45 -10.41
N GLN D 117 -41.79 36.50 -10.64
CA GLN D 117 -41.18 37.50 -11.51
C GLN D 117 -41.08 37.00 -12.94
N GLY D 118 -41.57 35.78 -13.19
CA GLY D 118 -41.50 35.20 -14.52
C GLY D 118 -40.10 35.29 -15.10
N VAL D 119 -39.11 34.94 -14.30
CA VAL D 119 -37.72 35.02 -14.73
C VAL D 119 -36.94 33.74 -14.41
N PHE D 120 -36.33 33.19 -15.45
CA PHE D 120 -35.53 31.95 -15.37
C PHE D 120 -34.62 31.84 -14.15
N LEU D 121 -34.44 30.62 -13.65
CA LEU D 121 -33.58 30.36 -12.48
C LEU D 121 -32.98 28.96 -12.49
N GLU D 123 -29.41 26.32 -11.37
CA GLU D 123 -28.19 26.11 -10.64
C GLU D 123 -27.15 25.82 -11.72
N ALA D 124 -25.91 26.22 -11.49
CA ALA D 124 -24.87 26.01 -12.48
C ALA D 124 -24.08 24.71 -12.30
N GLN D 125 -24.31 23.73 -13.15
CA GLN D 125 -23.59 22.47 -13.06
C GLN D 125 -23.03 22.03 -14.42
N LYS D 126 -21.72 22.15 -14.61
CA LYS D 126 -21.09 21.79 -15.88
C LYS D 126 -21.28 20.31 -16.30
N SER D 127 -21.26 19.40 -15.32
CA SER D 127 -21.36 17.97 -15.59
C SER D 127 -22.57 17.46 -16.36
N VAL D 128 -23.76 17.78 -15.88
CA VAL D 128 -24.97 17.30 -16.52
C VAL D 128 -25.15 17.66 -17.99
N PHE D 129 -24.27 18.49 -18.54
CA PHE D 129 -24.45 18.90 -19.94
C PHE D 129 -23.32 18.52 -20.88
N LEU D 130 -22.36 17.77 -20.37
CA LEU D 130 -21.24 17.36 -21.20
C LEU D 130 -21.69 16.39 -22.27
N PRO D 131 -21.00 16.41 -23.43
CA PRO D 131 -21.37 15.50 -24.51
C PRO D 131 -21.23 14.04 -24.12
N ILE D 132 -20.24 13.69 -23.29
CA ILE D 132 -20.09 12.30 -22.85
C ILE D 132 -21.20 11.87 -21.89
N THR D 133 -21.64 12.79 -21.04
CA THR D 133 -22.70 12.50 -20.10
C THR D 133 -24.00 12.19 -20.84
N GLN D 134 -24.23 12.92 -21.93
CA GLN D 134 -25.43 12.73 -22.73
C GLN D 134 -25.52 11.33 -23.32
N LYS D 135 -24.36 10.74 -23.60
CA LYS D 135 -24.31 9.40 -24.18
C LYS D 135 -24.56 8.29 -23.15
N VAL D 136 -24.04 8.47 -21.94
CA VAL D 136 -24.23 7.51 -20.85
C VAL D 136 -25.75 7.36 -20.64
N LYS D 137 -26.43 8.49 -20.51
CA LYS D 137 -27.87 8.51 -20.34
C LYS D 137 -28.54 7.84 -21.54
N ALA D 138 -28.06 8.16 -22.73
CA ALA D 138 -28.64 7.59 -23.93
C ALA D 138 -28.62 6.06 -23.87
N THR D 139 -27.42 5.51 -23.64
CA THR D 139 -27.19 4.09 -23.57
C THR D 139 -27.96 3.36 -22.50
N ILE D 140 -28.02 3.92 -21.30
CA ILE D 140 -28.77 3.28 -20.22
C ILE D 140 -30.24 3.10 -20.60
N GLN D 141 -30.85 4.12 -21.22
CA GLN D 141 -32.25 4.04 -21.61
C GLN D 141 -32.51 3.03 -22.73
N GLU D 142 -31.67 3.08 -23.77
CA GLU D 142 -31.82 2.19 -24.91
C GLU D 142 -31.21 0.82 -24.67
N GLY D 143 -31.74 0.08 -23.69
CA GLY D 143 -31.21 -1.24 -23.40
C GLY D 143 -29.84 -1.14 -22.77
N GLY D 144 -28.82 -1.06 -23.61
CA GLY D 144 -27.44 -0.89 -23.19
C GLY D 144 -26.76 -1.76 -22.16
N LEU D 145 -27.22 -1.65 -20.92
CA LEU D 145 -26.62 -2.41 -19.82
C LEU D 145 -27.64 -3.30 -19.14
N GLY D 146 -28.81 -3.46 -19.74
CA GLY D 146 -29.85 -4.23 -19.09
C GLY D 146 -30.29 -3.22 -18.04
N GLU D 147 -30.82 -3.66 -16.90
CA GLU D 147 -31.21 -2.65 -15.91
C GLU D 147 -30.07 -2.41 -14.96
N ILE D 148 -29.97 -1.19 -14.46
CA ILE D 148 -28.88 -0.88 -13.54
C ILE D 148 -29.27 -1.27 -12.13
N LEU D 149 -28.36 -1.93 -11.44
CA LEU D 149 -28.58 -2.35 -10.08
C LEU D 149 -27.75 -1.49 -9.12
N TRP D 150 -26.59 -1.01 -9.58
CA TRP D 150 -25.74 -0.24 -8.68
C TRP D 150 -24.82 0.74 -9.35
N VAL D 151 -24.66 1.91 -8.71
CA VAL D 151 -23.81 2.96 -9.22
C VAL D 151 -22.96 3.44 -8.04
N GLN D 152 -21.79 4.00 -8.32
CA GLN D 152 -20.95 4.49 -7.24
C GLN D 152 -20.04 5.59 -7.76
N SER D 153 -19.65 6.49 -6.85
CA SER D 153 -18.78 7.56 -7.24
C SER D 153 -17.66 7.69 -6.23
N VAL D 154 -16.48 7.99 -6.76
CA VAL D 154 -15.29 8.19 -5.97
C VAL D 154 -14.70 9.54 -6.35
N THR D 155 -14.56 10.41 -5.36
CA THR D 155 -14.02 11.75 -5.58
C THR D 155 -12.99 12.03 -4.52
N ALA D 156 -11.75 12.25 -4.92
CA ALA D 156 -10.73 12.51 -3.92
C ALA D 156 -9.75 13.59 -4.34
N TYR D 157 -9.65 14.62 -3.51
CA TYR D 157 -8.73 15.72 -3.76
C TYR D 157 -7.55 15.52 -2.82
N PRO D 158 -6.32 15.62 -3.35
CA PRO D 158 -5.13 15.43 -2.52
C PRO D 158 -5.02 16.44 -1.37
N ASN D 159 -5.21 17.71 -1.70
CA ASN D 159 -5.12 18.80 -0.71
C ASN D 159 -6.40 19.59 -0.77
N VAL D 160 -6.62 20.36 0.28
CA VAL D 160 -7.77 21.24 0.30
C VAL D 160 -7.21 22.62 0.66
N ASP D 161 -5.89 22.74 0.61
CA ASP D 161 -5.22 23.99 0.95
C ASP D 161 -5.36 25.11 -0.07
N HIS D 162 -6.24 24.90 -1.06
CA HIS D 162 -6.49 25.91 -2.07
C HIS D 162 -7.93 26.36 -1.84
N ILE D 163 -8.50 25.86 -0.75
CA ILE D 163 -9.84 26.19 -0.30
C ILE D 163 -9.67 26.58 1.18
N PRO D 164 -9.14 27.78 1.43
CA PRO D 164 -8.86 28.39 2.74
C PRO D 164 -10.00 28.42 3.75
N TRP D 165 -11.20 28.05 3.32
CA TRP D 165 -12.35 28.04 4.21
C TRP D 165 -12.93 26.64 4.32
N PHE D 166 -12.19 25.66 3.84
CA PHE D 166 -12.65 24.28 3.85
C PHE D 166 -13.19 23.76 5.18
N TYR D 167 -12.64 24.22 6.30
CA TYR D 167 -13.11 23.67 7.54
C TYR D 167 -14.16 24.49 8.29
N SER D 168 -14.88 25.35 7.58
CA SER D 168 -15.93 26.13 8.22
C SER D 168 -17.28 25.70 7.66
N ARG D 169 -18.18 25.29 8.54
CA ARG D 169 -19.50 24.82 8.15
C ARG D 169 -20.35 25.93 7.54
N GLU D 170 -20.42 27.05 8.22
CA GLU D 170 -21.20 28.20 7.80
C GLU D 170 -20.77 28.81 6.47
N ALA D 171 -19.46 28.79 6.19
CA ALA D 171 -18.90 29.38 4.97
C ALA D 171 -19.11 28.50 3.74
N GLY D 172 -18.22 27.55 3.56
CA GLY D 172 -18.40 26.65 2.44
C GLY D 172 -18.99 25.43 3.08
N GLY D 173 -18.09 24.54 3.52
CA GLY D 173 -18.52 23.32 4.16
C GLY D 173 -17.40 22.32 4.10
N GLY D 174 -17.79 21.05 4.11
CA GLY D 174 -16.80 20.00 4.04
C GLY D 174 -16.84 19.27 2.71
N ALA D 175 -16.33 18.04 2.73
CA ALA D 175 -16.28 17.20 1.54
C ALA D 175 -17.63 17.13 0.85
N LEU D 176 -18.70 17.03 1.64
CA LEU D 176 -20.03 16.94 1.07
C LEU D 176 -20.49 18.24 0.42
N HIS D 177 -20.30 19.36 1.10
CA HIS D 177 -20.68 20.65 0.52
C HIS D 177 -19.80 20.76 -0.70
N GLY D 178 -18.51 20.57 -0.46
CA GLY D 178 -17.52 20.65 -1.51
C GLY D 178 -17.91 20.03 -2.84
N SER D 179 -18.37 18.78 -2.82
CA SER D 179 -18.70 18.15 -4.09
C SER D 179 -19.71 17.01 -4.10
N GLY D 180 -20.67 17.02 -3.18
CA GLY D 180 -21.67 15.98 -3.16
C GLY D 180 -22.84 16.19 -4.11
N SER D 181 -23.16 17.45 -4.43
CA SER D 181 -24.29 17.77 -5.30
C SER D 181 -24.15 17.27 -6.73
N TYR D 182 -23.00 17.51 -7.34
CA TYR D 182 -22.71 17.08 -8.72
C TYR D 182 -22.95 15.58 -8.89
N PRO D 183 -22.15 14.76 -8.23
CA PRO D 183 -22.33 13.31 -8.37
C PRO D 183 -23.73 12.79 -8.12
N LEU D 184 -24.40 13.31 -7.10
CA LEU D 184 -25.73 12.81 -6.79
C LEU D 184 -26.80 13.39 -7.71
N GLN D 185 -26.53 14.56 -8.25
CA GLN D 185 -27.47 15.15 -9.21
C GLN D 185 -27.29 14.32 -10.47
N TYR D 186 -26.06 14.33 -10.98
CA TYR D 186 -25.63 13.60 -12.19
C TYR D 186 -26.25 12.20 -12.31
N LEU D 187 -26.11 11.39 -11.27
CA LEU D 187 -26.65 10.04 -11.28
C LEU D 187 -28.15 10.05 -11.51
N GLN D 188 -28.85 10.88 -10.74
CA GLN D 188 -30.30 10.94 -10.91
C GLN D 188 -30.59 11.24 -12.36
N TYR D 189 -29.77 12.08 -12.95
CA TYR D 189 -29.99 12.44 -14.35
C TYR D 189 -29.74 11.29 -15.33
N VAL D 190 -28.57 10.66 -15.28
CA VAL D 190 -28.29 9.58 -16.22
C VAL D 190 -29.18 8.35 -16.06
N LEU D 191 -29.72 8.17 -14.87
CA LEU D 191 -30.58 7.04 -14.62
C LEU D 191 -32.04 7.35 -14.90
N GLY D 192 -32.40 8.63 -14.78
CA GLY D 192 -33.79 9.00 -15.00
C GLY D 192 -34.64 8.55 -13.82
N LYS D 193 -34.01 8.44 -12.66
CA LYS D 193 -34.68 8.02 -11.44
C LYS D 193 -34.34 9.01 -10.34
N GLU D 194 -35.25 9.14 -9.38
CA GLU D 194 -35.07 10.07 -8.28
C GLU D 194 -34.48 9.38 -7.04
N ILE D 195 -33.58 10.07 -6.34
CA ILE D 195 -32.99 9.48 -5.14
C ILE D 195 -34.09 9.19 -4.14
N GLN D 196 -34.25 7.91 -3.81
CA GLN D 196 -35.29 7.50 -2.90
C GLN D 196 -34.84 7.37 -1.46
N GLU D 197 -33.57 7.06 -1.25
CA GLU D 197 -33.04 6.92 0.10
C GLU D 197 -31.59 7.31 0.10
N VAL D 198 -31.07 7.58 1.29
CA VAL D 198 -29.69 7.96 1.40
C VAL D 198 -29.35 8.11 2.87
N THR D 199 -28.24 7.49 3.26
CA THR D 199 -27.75 7.54 4.64
C THR D 199 -26.26 7.31 4.46
N GLY D 200 -25.47 7.79 5.41
CA GLY D 200 -24.05 7.60 5.28
C GLY D 200 -23.27 7.91 6.53
N THR D 201 -21.95 7.86 6.39
CA THR D 201 -21.03 8.11 7.48
C THR D 201 -20.12 9.22 7.04
N ALA D 202 -19.16 9.60 7.89
CA ALA D 202 -18.24 10.67 7.54
C ALA D 202 -17.20 10.94 8.63
N THR D 203 -16.13 11.60 8.26
CA THR D 203 -15.08 11.88 9.20
C THR D 203 -15.10 13.36 9.48
N TYR D 204 -15.08 13.73 10.76
CA TYR D 204 -15.12 15.15 11.13
C TYR D 204 -14.87 15.41 12.60
N GLN D 205 -13.96 16.36 12.85
CA GLN D 205 -13.64 16.78 14.21
C GLN D 205 -14.77 17.76 14.53
N GLN D 206 -14.91 18.17 15.79
CA GLN D 206 -15.99 19.11 16.13
C GLN D 206 -15.65 20.57 15.77
N GLY D 207 -16.70 21.37 15.57
CA GLY D 207 -16.50 22.77 15.21
C GLY D 207 -15.76 22.93 13.90
N ALA D 208 -15.91 21.93 13.03
CA ALA D 208 -15.27 21.96 11.72
C ALA D 208 -16.20 21.32 10.70
N THR D 209 -15.62 20.79 9.64
CA THR D 209 -16.37 20.13 8.56
C THR D 209 -15.95 18.66 8.50
N ASP D 210 -16.42 17.95 7.49
CA ASP D 210 -16.06 16.56 7.31
C ASP D 210 -14.95 16.41 6.25
N SER D 211 -13.85 15.77 6.64
CA SER D 211 -12.73 15.57 5.72
C SER D 211 -13.08 14.56 4.63
N GLN D 212 -14.12 13.76 4.88
CA GLN D 212 -14.61 12.76 3.93
C GLN D 212 -15.96 12.21 4.39
N CYS D 213 -16.66 11.53 3.49
CA CYS D 213 -17.94 10.93 3.81
C CYS D 213 -18.24 9.84 2.76
N ASN D 214 -19.06 8.88 3.13
CA ASN D 214 -19.42 7.79 2.25
C ASN D 214 -20.91 7.56 2.32
N LEU D 215 -21.59 7.87 1.24
CA LEU D 215 -23.04 7.77 1.17
C LEU D 215 -23.60 6.52 0.55
N ALA D 216 -24.61 5.95 1.19
CA ALA D 216 -25.26 4.76 0.67
C ALA D 216 -26.45 5.37 -0.04
N LEU D 217 -26.92 4.73 -1.11
CA LEU D 217 -28.04 5.30 -1.84
C LEU D 217 -29.02 4.29 -2.34
N LYS D 218 -30.25 4.75 -2.55
CA LYS D 218 -31.29 3.93 -3.10
C LYS D 218 -32.02 4.80 -4.13
N PHE D 219 -32.37 4.20 -5.25
CA PHE D 219 -33.07 4.94 -6.29
C PHE D 219 -34.48 4.46 -6.46
N ALA D 220 -35.22 5.11 -7.35
CA ALA D 220 -36.60 4.75 -7.60
C ALA D 220 -36.82 3.41 -8.26
N GLU D 221 -35.77 2.84 -8.83
CA GLU D 221 -35.92 1.59 -9.58
C GLU D 221 -35.12 0.34 -9.24
N GLY D 222 -34.91 0.05 -7.98
CA GLY D 222 -34.13 -1.13 -7.67
C GLY D 222 -32.64 -1.01 -7.94
N THR D 223 -32.11 0.21 -7.97
CA THR D 223 -30.67 0.34 -8.13
C THR D 223 -30.09 1.04 -6.91
N LEU D 224 -29.06 0.43 -6.32
CA LEU D 224 -28.43 0.99 -5.15
C LEU D 224 -27.26 1.83 -5.62
N GLY D 225 -26.58 2.48 -4.67
CA GLY D 225 -25.45 3.30 -5.03
C GLY D 225 -24.58 3.67 -3.84
N ASN D 226 -23.35 4.11 -4.14
CA ASN D 226 -22.42 4.52 -3.10
C ASN D 226 -21.68 5.77 -3.55
N ILE D 227 -21.64 6.78 -2.71
CA ILE D 227 -20.92 7.97 -3.07
C ILE D 227 -19.85 8.19 -2.03
N PHE D 228 -18.63 8.38 -2.51
CA PHE D 228 -17.51 8.58 -1.63
C PHE D 228 -16.69 9.81 -2.03
N ILE D 229 -16.72 10.83 -1.17
CA ILE D 229 -15.93 12.03 -1.39
C ILE D 229 -14.86 12.01 -0.31
N ASN D 230 -13.64 12.39 -0.70
CA ASN D 230 -12.53 12.36 0.23
C ASN D 230 -11.47 13.44 0.04
N VAL D 231 -10.71 13.70 1.08
CA VAL D 231 -9.61 14.63 1.00
C VAL D 231 -8.49 13.79 1.63
N GLY D 232 -7.27 13.92 1.12
CA GLY D 232 -6.16 13.16 1.68
C GLY D 232 -5.64 12.01 0.82
N LEU D 233 -6.54 11.30 0.15
CA LEU D 233 -6.15 10.18 -0.72
C LEU D 233 -5.67 10.70 -2.06
N LYS D 234 -4.97 9.85 -2.81
CA LYS D 234 -4.47 10.25 -4.12
C LYS D 234 -5.06 9.38 -5.24
N ILE D 235 -6.17 8.72 -4.97
CA ILE D 235 -6.81 7.84 -5.95
C ILE D 235 -7.56 8.57 -7.04
N PRO D 236 -7.80 7.92 -8.18
CA PRO D 236 -8.51 8.55 -9.30
C PRO D 236 -9.96 8.76 -8.94
N SER D 237 -10.58 9.73 -9.61
CA SER D 237 -11.98 10.02 -9.40
C SER D 237 -12.70 9.38 -10.54
N GLU D 238 -13.51 8.37 -10.24
CA GLU D 238 -14.27 7.71 -11.29
C GLU D 238 -15.61 7.17 -10.82
N THR D 240 -18.85 4.58 -11.73
CA THR D 240 -19.09 3.30 -12.38
C THR D 240 -20.58 2.98 -12.36
N ILE D 241 -21.12 2.66 -13.54
CA ILE D 241 -22.52 2.27 -13.68
C ILE D 241 -22.44 0.76 -13.97
N CYS D 242 -23.23 -0.05 -13.27
CA CYS D 242 -23.21 -1.50 -13.49
C CYS D 242 -24.59 -2.03 -13.81
N GLY D 243 -24.75 -2.58 -15.01
CA GLY D 243 -26.03 -3.13 -15.41
C GLY D 243 -25.95 -4.64 -15.52
N THR D 244 -27.09 -5.27 -15.74
CA THR D 244 -27.14 -6.73 -15.87
C THR D 244 -26.45 -7.18 -17.15
N LYS D 245 -26.16 -6.23 -18.03
CA LYS D 245 -25.55 -6.60 -19.28
C LYS D 245 -24.34 -5.74 -19.62
N GLY D 246 -24.03 -4.77 -18.79
CA GLY D 246 -22.91 -3.92 -19.10
C GLY D 246 -22.48 -2.94 -18.02
N GLN D 247 -21.40 -2.23 -18.30
CA GLN D 247 -20.87 -1.28 -17.35
C GLN D 247 -20.22 -0.11 -18.08
N ILE D 248 -20.14 1.02 -17.39
CA ILE D 248 -19.52 2.22 -17.91
C ILE D 248 -18.72 2.81 -16.75
N VAL D 249 -17.52 3.30 -17.04
CA VAL D 249 -16.73 3.92 -15.99
C VAL D 249 -16.45 5.31 -16.53
N ILE D 250 -16.69 6.33 -15.73
CA ILE D 250 -16.46 7.69 -16.18
C ILE D 250 -15.42 8.43 -15.33
N PRO D 251 -14.24 8.69 -15.89
CA PRO D 251 -13.17 9.40 -15.19
C PRO D 251 -13.47 10.89 -15.11
N ASN D 252 -13.24 11.50 -13.94
CA ASN D 252 -13.49 12.93 -13.71
C ASN D 252 -14.77 13.35 -14.43
N PHE D 253 -15.87 12.70 -14.08
CA PHE D 253 -17.18 12.93 -14.71
C PHE D 253 -17.65 14.34 -14.94
N TRP D 254 -17.07 15.31 -14.23
CA TRP D 254 -17.49 16.68 -14.38
C TRP D 254 -16.75 17.43 -15.48
N LYS D 255 -15.68 16.84 -15.99
CA LYS D 255 -14.89 17.50 -17.02
C LYS D 255 -14.36 16.51 -18.03
N THR D 256 -14.93 15.31 -18.01
CA THR D 256 -14.51 14.25 -18.91
C THR D 256 -14.85 14.47 -20.38
N ASP D 257 -14.05 13.86 -21.23
CA ASP D 257 -14.24 13.92 -22.66
C ASP D 257 -14.36 12.47 -23.12
N CYS D 258 -14.05 11.56 -22.21
CA CYS D 258 -14.07 10.13 -22.50
C CYS D 258 -14.71 9.28 -21.41
N ALA D 259 -15.02 8.04 -21.77
CA ALA D 259 -15.62 7.07 -20.85
C ALA D 259 -15.38 5.66 -21.39
N TYR D 260 -15.49 4.66 -20.52
CA TYR D 260 -15.25 3.29 -20.89
C TYR D 260 -16.47 2.40 -20.69
N TYR D 261 -16.91 1.76 -21.77
CA TYR D 261 -18.07 0.88 -21.73
C TYR D 261 -17.66 -0.55 -21.90
N THR D 262 -18.12 -1.41 -21.01
CA THR D 262 -17.78 -2.82 -21.08
C THR D 262 -19.06 -3.58 -21.31
N ASP D 263 -19.04 -4.52 -22.24
CA ASP D 263 -20.24 -5.29 -22.55
C ASP D 263 -20.40 -6.55 -21.74
N ALA D 264 -21.44 -7.32 -22.05
CA ALA D 264 -21.72 -8.55 -21.33
C ALA D 264 -20.70 -9.62 -21.66
N GLN D 265 -19.91 -9.39 -22.70
CA GLN D 265 -18.95 -10.37 -23.14
C GLN D 265 -17.50 -10.26 -22.66
N GLY D 266 -17.09 -9.08 -22.25
CA GLY D 266 -15.72 -8.89 -21.78
C GLY D 266 -15.09 -7.69 -22.50
N ASN D 267 -15.61 -7.38 -23.67
CA ASN D 267 -15.12 -6.28 -24.49
C ASN D 267 -15.38 -4.89 -23.91
N THR D 268 -14.32 -4.16 -23.61
CA THR D 268 -14.48 -2.81 -23.12
C THR D 268 -13.93 -1.85 -24.17
N VAL D 269 -14.72 -0.83 -24.51
CA VAL D 269 -14.31 0.16 -25.49
C VAL D 269 -14.28 1.55 -24.87
N LYS D 270 -13.60 2.48 -25.55
CA LYS D 270 -13.49 3.84 -25.08
C LYS D 270 -14.33 4.80 -25.93
N TRP D 271 -15.15 5.62 -25.28
CA TRP D 271 -15.96 6.62 -25.96
C TRP D 271 -15.18 7.92 -25.84
N SER D 272 -14.91 8.59 -26.96
CA SER D 272 -14.14 9.82 -26.87
C SER D 272 -14.70 11.02 -27.61
N GLU D 273 -15.47 11.83 -26.90
CA GLU D 273 -16.06 13.05 -27.46
C GLU D 273 -15.13 14.17 -26.96
N GLN D 274 -14.54 14.92 -27.90
CA GLN D 274 -13.54 15.94 -27.56
C GLN D 274 -13.80 17.28 -26.87
N PHE D 275 -12.72 17.72 -26.24
CA PHE D 275 -12.63 18.93 -25.40
C PHE D 275 -12.76 20.25 -26.21
N THR D 276 -13.90 20.89 -26.04
CA THR D 276 -14.21 22.15 -26.71
C THR D 276 -13.85 23.27 -25.77
N SER D 277 -14.70 23.38 -24.78
CA SER D 277 -14.63 24.33 -23.69
C SER D 277 -15.45 23.49 -22.74
N GLU D 278 -15.24 23.66 -21.45
CA GLU D 278 -15.97 22.84 -20.51
C GLU D 278 -17.26 23.52 -20.08
N PHE D 279 -17.22 24.85 -20.07
CA PHE D 279 -18.36 25.68 -19.70
C PHE D 279 -19.32 25.89 -20.87
N THR D 280 -18.78 25.82 -22.09
CA THR D 280 -19.56 26.04 -23.30
C THR D 280 -20.90 25.29 -23.39
N TYR D 281 -20.94 24.08 -22.87
CA TYR D 281 -22.15 23.27 -22.95
C TYR D 281 -23.33 23.71 -22.10
N GLU D 282 -23.11 24.03 -20.83
CA GLU D 282 -24.23 24.42 -19.99
C GLU D 282 -24.73 25.79 -20.43
N ILE D 283 -23.80 26.66 -20.79
CA ILE D 283 -24.17 28.00 -21.25
C ILE D 283 -25.15 27.87 -22.42
N ASN D 284 -24.81 27.03 -23.39
CA ASN D 284 -25.68 26.82 -24.54
C ASN D 284 -27.04 26.36 -24.09
N HIS D 285 -27.07 25.36 -23.22
CA HIS D 285 -28.34 24.88 -22.73
C HIS D 285 -29.16 26.04 -22.20
N VAL D 286 -28.53 26.83 -21.34
CA VAL D 286 -29.18 27.97 -20.73
C VAL D 286 -29.72 28.92 -21.78
N ASN D 287 -28.85 29.34 -22.70
CA ASN D 287 -29.28 30.24 -23.76
C ASN D 287 -30.58 29.66 -24.34
N GLN D 288 -30.51 28.40 -24.77
CA GLN D 288 -31.65 27.73 -25.36
C GLN D 288 -32.89 27.77 -24.49
N CYS D 289 -32.71 27.60 -23.19
CA CYS D 289 -33.85 27.63 -22.26
C CYS D 289 -34.52 29.00 -22.34
N LEU D 290 -33.69 30.03 -22.43
CA LEU D 290 -34.13 31.42 -22.52
C LEU D 290 -34.91 31.70 -23.82
N GLN D 291 -34.37 31.24 -24.96
CA GLN D 291 -35.03 31.43 -26.26
C GLN D 291 -36.45 30.89 -26.20
N ASP D 292 -36.60 29.76 -25.53
CA ASP D 292 -37.88 29.09 -25.42
C ASP D 292 -38.72 29.65 -24.28
N LYS D 293 -38.39 30.87 -23.85
CA LYS D 293 -39.10 31.54 -22.76
C LYS D 293 -39.53 30.53 -21.69
N LYS D 294 -38.53 29.91 -21.06
CA LYS D 294 -38.79 28.92 -20.03
C LYS D 294 -38.26 29.44 -18.70
N LEU D 295 -39.03 29.22 -17.65
CA LEU D 295 -38.66 29.68 -16.31
C LEU D 295 -37.62 28.81 -15.61
N THR D 296 -37.62 27.53 -15.96
CA THR D 296 -36.69 26.57 -15.36
C THR D 296 -36.11 25.62 -16.40
N SER D 297 -35.02 24.96 -16.03
CA SER D 297 -34.38 24.00 -16.94
C SER D 297 -35.01 22.62 -16.75
N PRO D 298 -35.24 21.90 -17.86
CA PRO D 298 -35.84 20.57 -17.81
C PRO D 298 -34.85 19.51 -17.29
N VAL D 299 -33.56 19.85 -17.26
CA VAL D 299 -32.54 18.92 -16.76
C VAL D 299 -32.30 19.26 -15.29
N THR D 301 -33.62 20.75 -13.15
CA THR D 301 -34.91 21.22 -12.67
C THR D 301 -34.91 21.86 -11.29
N LYS D 302 -36.06 22.41 -10.92
CA LYS D 302 -36.27 23.06 -9.63
C LYS D 302 -36.20 22.05 -8.50
N GLU D 303 -37.00 20.98 -8.63
CA GLU D 303 -37.07 19.94 -7.63
C GLU D 303 -35.74 19.24 -7.38
N LEU D 304 -34.97 19.02 -8.43
CA LEU D 304 -33.67 18.37 -8.29
C LEU D 304 -32.72 19.27 -7.51
N THR D 305 -32.78 20.57 -7.78
CA THR D 305 -31.92 21.52 -7.08
C THR D 305 -32.32 21.66 -5.63
N ILE D 306 -33.61 21.82 -5.37
CA ILE D 306 -34.10 21.94 -4.00
C ILE D 306 -33.76 20.67 -3.27
N ALA D 307 -34.31 19.57 -3.78
CA ALA D 307 -34.10 18.25 -3.22
C ALA D 307 -32.68 18.01 -2.76
N THR D 308 -31.71 18.43 -3.58
CA THR D 308 -30.30 18.24 -3.25
C THR D 308 -29.86 19.00 -2.00
N VAL D 309 -30.07 20.32 -1.99
CA VAL D 309 -29.66 21.11 -0.83
C VAL D 309 -30.30 20.54 0.43
N LYS D 310 -31.53 20.07 0.29
CA LYS D 310 -32.24 19.48 1.42
C LYS D 310 -31.39 18.36 2.00
N ILE D 311 -31.07 17.38 1.18
CA ILE D 311 -30.26 16.25 1.63
C ILE D 311 -28.93 16.67 2.19
N VAL D 312 -28.19 17.46 1.43
CA VAL D 312 -26.88 17.93 1.87
C VAL D 312 -26.96 18.61 3.23
N GLU D 313 -28.02 19.39 3.45
CA GLU D 313 -28.14 20.09 4.72
C GLU D 313 -28.60 19.22 5.88
N SER D 314 -29.42 18.21 5.59
CA SER D 314 -29.85 17.32 6.66
C SER D 314 -28.64 16.53 7.19
N PHE D 315 -27.63 16.38 6.34
CA PHE D 315 -26.43 15.67 6.72
C PHE D 315 -25.56 16.53 7.62
N TYR D 316 -25.25 17.74 7.17
CA TYR D 316 -24.42 18.61 7.98
C TYR D 316 -25.18 18.94 9.27
N GLN D 317 -26.50 18.90 9.19
CA GLN D 317 -27.32 19.14 10.36
C GLN D 317 -27.00 17.96 11.26
N GLU D 318 -27.23 16.76 10.72
CA GLU D 318 -26.98 15.51 11.42
C GLU D 318 -25.61 15.48 12.11
N TRP D 319 -24.61 16.08 11.48
CA TRP D 319 -23.27 16.06 12.07
C TRP D 319 -22.92 17.17 13.04
N PHE D 320 -22.90 18.41 12.54
CA PHE D 320 -22.55 19.54 13.39
C PHE D 320 -23.57 19.86 14.48
N ASP D 321 -24.75 19.28 14.42
CA ASP D 321 -25.77 19.54 15.44
C ASP D 321 -26.17 18.28 16.21
N ASN D 322 -26.89 18.47 17.32
CA ASN D 322 -27.36 17.40 18.21
C ASN D 322 -26.46 17.26 19.44
#